data_4C0H
#
_entry.id   4C0H
#
_cell.length_a   89.395
_cell.length_b   95.609
_cell.length_c   182.063
_cell.angle_alpha   90.00
_cell.angle_beta   90.00
_cell.angle_gamma   90.00
#
_symmetry.space_group_name_H-M   'P 21 21 21'
#
loop_
_entity.id
_entity.type
_entity.pdbx_description
1 polymer 'MRNA CLEAVAGE AND POLYADENYLATION FACTOR CLP1'
2 polymer PCF11P
3 water water
#
loop_
_entity_poly.entity_id
_entity_poly.type
_entity_poly.pdbx_seq_one_letter_code
_entity_poly.pdbx_strand_id
1 'polypeptide(L)'
;MASLPGIDEHTTSEELITGDNEWHKLVIPKGSDWQIDLKAEGKLIVKVNSGIVEIFGTELAVDDEYTFQNWKFPIYAVEE
TELLWKCPDLTTNTITVKPNHTMKYIYNLHFMLEKIRMSNFEGPRVVIVGGSQTRKTSLSRTLCSYALKFNAYQPLYINL
DPQQPIFTVPGCISATPISDILDAQLPTWGQSLTSGATLLHNKQPMVKNFGLERINENKDLYLECISQLGQVVGQRLHLD
PQVRRSGCIVDTPSISQLDENLAELHHIIEKLNVNIMLVLCSETDPLWEKVKKTFGPELGNNNIFFIPKLDGVSAVDDVY
KRSLQRTSIREYFYGSLDTALSPYAIGVDYEDLTIWKPSNVFDNEVGRVELFPVTITPSNLQHAIIAITFAERRADQATV
IKSPILGFALITEVNEKRRKLRVLLPVPGRLPSKAMILTSYRYLE
;
A,B
2 'polypeptide(L)'
;GSQNTANTGISNSNLNTTTTRKNIQSRNWYLSDSQWAAFKDDEITSTKHKNDYTDPHANKNIDKSALNIHADENDEGSVD
NTLGSDRSNELEIRGKYVVVPETSQDMAFK
;
C,D
#
# COMPACT_ATOMS: atom_id res chain seq x y z
N GLY A 19 -36.68 39.42 16.29
CA GLY A 19 -36.58 38.73 15.00
C GLY A 19 -36.99 39.57 13.82
N ASP A 20 -36.90 39.00 12.58
CA ASP A 20 -37.21 39.69 11.31
C ASP A 20 -37.20 38.71 10.10
N ASN A 21 -38.04 39.01 9.06
CA ASN A 21 -38.06 38.25 7.80
C ASN A 21 -37.43 39.04 6.60
N GLU A 22 -36.56 40.02 6.90
CA GLU A 22 -35.86 40.79 5.88
C GLU A 22 -34.41 40.30 5.75
N TRP A 23 -33.70 40.82 4.75
CA TRP A 23 -32.29 40.50 4.52
C TRP A 23 -31.43 41.51 5.26
N HIS A 24 -30.41 41.01 5.94
CA HIS A 24 -29.47 41.85 6.69
C HIS A 24 -28.05 41.58 6.23
N LYS A 25 -27.25 42.66 6.09
CA LYS A 25 -25.85 42.61 5.68
C LYS A 25 -24.99 42.25 6.89
N LEU A 26 -23.96 41.42 6.67
CA LEU A 26 -23.00 41.00 7.68
C LEU A 26 -21.60 40.96 7.09
N VAL A 27 -20.65 41.59 7.79
CA VAL A 27 -19.25 41.55 7.39
C VAL A 27 -18.48 40.70 8.40
N ILE A 28 -18.03 39.52 7.95
CA ILE A 28 -17.25 38.61 8.78
C ILE A 28 -15.79 38.93 8.51
N PRO A 29 -15.04 39.45 9.50
CA PRO A 29 -13.60 39.71 9.25
C PRO A 29 -12.83 38.41 9.05
N LYS A 30 -11.75 38.49 8.26
CA LYS A 30 -10.84 37.37 7.96
C LYS A 30 -10.38 36.71 9.26
N GLY A 31 -10.50 35.39 9.31
CA GLY A 31 -10.11 34.58 10.45
C GLY A 31 -11.15 34.41 11.53
N SER A 32 -12.41 34.84 11.25
CA SER A 32 -13.51 34.75 12.21
C SER A 32 -14.59 33.70 11.84
N ASP A 33 -15.24 33.14 12.88
CA ASP A 33 -16.34 32.21 12.73
C ASP A 33 -17.62 32.96 13.06
N TRP A 34 -18.65 32.74 12.23
CA TRP A 34 -19.97 33.21 12.53
C TRP A 34 -20.62 31.97 13.07
N GLN A 35 -20.81 31.95 14.39
CA GLN A 35 -21.34 30.81 15.14
C GLN A 35 -22.85 30.80 15.12
N ILE A 36 -23.39 29.75 14.48
CA ILE A 36 -24.82 29.57 14.27
C ILE A 36 -25.35 28.39 15.09
N ASP A 37 -26.45 28.61 15.83
CA ASP A 37 -27.15 27.59 16.61
C ASP A 37 -28.64 27.72 16.32
N LEU A 38 -29.14 27.00 15.29
CA LEU A 38 -30.54 27.02 14.91
C LEU A 38 -31.29 25.95 15.69
N LYS A 39 -32.45 26.30 16.28
CA LYS A 39 -33.29 25.31 16.96
C LYS A 39 -34.47 24.95 16.04
N ALA A 40 -35.27 23.89 16.37
CA ALA A 40 -36.42 23.46 15.55
C ALA A 40 -37.25 24.68 15.10
N GLU A 41 -37.59 24.72 13.78
CA GLU A 41 -38.31 25.81 13.07
C GLU A 41 -37.37 26.98 12.67
N GLY A 42 -36.10 26.88 13.06
CA GLY A 42 -35.06 27.87 12.74
C GLY A 42 -34.52 27.64 11.35
N LYS A 43 -34.99 28.45 10.37
CA LYS A 43 -34.60 28.41 8.96
C LYS A 43 -33.81 29.69 8.56
N LEU A 44 -32.54 29.48 8.17
CA LEU A 44 -31.60 30.54 7.78
C LEU A 44 -31.16 30.46 6.32
N ILE A 45 -31.26 31.58 5.58
CA ILE A 45 -30.81 31.67 4.19
C ILE A 45 -29.61 32.61 4.14
N VAL A 46 -28.52 32.17 3.48
CA VAL A 46 -27.30 32.96 3.34
C VAL A 46 -26.98 33.14 1.85
N LYS A 47 -26.66 34.37 1.45
CA LYS A 47 -26.27 34.73 0.09
C LYS A 47 -25.01 35.62 0.22
N VAL A 48 -23.85 35.09 -0.21
CA VAL A 48 -22.52 35.70 -0.14
C VAL A 48 -22.35 36.69 -1.32
N ASN A 49 -21.93 37.93 -1.00
CA ASN A 49 -21.71 38.99 -2.00
C ASN A 49 -20.26 39.04 -2.50
N SER A 50 -19.28 38.92 -1.56
CA SER A 50 -17.83 38.96 -1.81
C SER A 50 -17.06 38.27 -0.69
N GLY A 51 -15.96 37.60 -1.03
CA GLY A 51 -15.10 36.92 -0.06
C GLY A 51 -15.13 35.41 -0.13
N ILE A 52 -14.36 34.75 0.77
CA ILE A 52 -14.32 33.29 0.85
C ILE A 52 -14.76 32.84 2.25
N VAL A 53 -15.89 32.13 2.31
CA VAL A 53 -16.46 31.56 3.53
C VAL A 53 -16.60 30.07 3.30
N GLU A 54 -16.40 29.28 4.39
CA GLU A 54 -16.42 27.83 4.39
C GLU A 54 -17.15 27.23 5.59
N ILE A 55 -17.99 26.21 5.33
CA ILE A 55 -18.64 25.40 6.38
C ILE A 55 -17.92 24.07 6.33
N PHE A 56 -17.08 23.85 7.35
CA PHE A 56 -16.20 22.68 7.52
C PHE A 56 -15.42 22.36 6.23
N GLY A 57 -14.80 23.37 5.66
CA GLY A 57 -13.99 23.22 4.46
C GLY A 57 -14.69 23.38 3.12
N THR A 58 -16.04 23.33 3.10
CA THR A 58 -16.81 23.51 1.88
C THR A 58 -17.05 24.99 1.70
N GLU A 59 -16.58 25.53 0.58
CA GLU A 59 -16.70 26.92 0.19
C GLU A 59 -18.10 27.22 -0.31
N LEU A 60 -18.70 28.35 0.13
CA LEU A 60 -20.01 28.80 -0.33
C LEU A 60 -19.86 29.67 -1.57
N ALA A 61 -20.44 29.25 -2.71
CA ALA A 61 -20.40 29.99 -3.97
C ALA A 61 -21.10 31.36 -3.85
N VAL A 62 -20.49 32.42 -4.43
CA VAL A 62 -21.08 33.78 -4.39
C VAL A 62 -22.40 33.84 -5.18
N ASP A 63 -23.29 34.77 -4.78
N ASP A 63 -23.29 34.79 -4.85
CA ASP A 63 -24.62 35.02 -5.35
CA ASP A 63 -24.60 34.98 -5.47
C ASP A 63 -25.53 33.76 -5.48
C ASP A 63 -25.49 33.69 -5.56
N ASP A 64 -25.31 32.77 -4.59
CA ASP A 64 -26.08 31.53 -4.49
C ASP A 64 -26.65 31.46 -3.08
N GLU A 65 -27.95 31.15 -2.96
CA GLU A 65 -28.63 31.05 -1.67
C GLU A 65 -28.44 29.67 -1.07
N TYR A 66 -28.00 29.63 0.19
CA TYR A 66 -27.80 28.40 0.96
C TYR A 66 -28.80 28.41 2.09
N THR A 67 -29.52 27.28 2.33
CA THR A 67 -30.52 27.21 3.40
C THR A 67 -30.14 26.18 4.47
N PHE A 68 -30.25 26.57 5.74
CA PHE A 68 -29.88 25.74 6.89
C PHE A 68 -31.03 25.65 7.85
N GLN A 69 -31.22 24.46 8.46
CA GLN A 69 -32.30 24.20 9.41
C GLN A 69 -31.84 23.29 10.51
N ASN A 70 -32.26 23.59 11.74
CA ASN A 70 -32.04 22.80 12.95
C ASN A 70 -30.66 22.09 13.07
N TRP A 71 -29.58 22.89 13.18
CA TRP A 71 -28.19 22.46 13.43
C TRP A 71 -27.29 23.61 13.84
N LYS A 72 -26.21 23.28 14.57
CA LYS A 72 -25.22 24.24 15.04
C LYS A 72 -23.88 24.01 14.33
N PHE A 73 -23.32 25.09 13.76
CA PHE A 73 -22.09 25.05 12.95
C PHE A 73 -21.45 26.44 12.81
N PRO A 74 -20.13 26.51 12.47
CA PRO A 74 -19.51 27.83 12.24
C PRO A 74 -19.32 28.11 10.73
N ILE A 75 -19.52 29.36 10.32
CA ILE A 75 -19.25 29.78 8.94
C ILE A 75 -17.88 30.50 9.02
N TYR A 76 -16.79 29.84 8.56
CA TYR A 76 -15.44 30.43 8.67
C TYR A 76 -15.04 31.34 7.52
N ALA A 77 -14.53 32.54 7.86
CA ALA A 77 -14.10 33.52 6.88
C ALA A 77 -12.62 33.37 6.52
N VAL A 78 -12.34 32.68 5.38
CA VAL A 78 -10.99 32.47 4.83
C VAL A 78 -10.40 33.83 4.46
N GLU A 79 -11.24 34.68 3.86
CA GLU A 79 -10.97 36.06 3.48
C GLU A 79 -12.12 36.88 4.06
N GLU A 80 -11.92 38.18 4.30
CA GLU A 80 -13.00 39.05 4.78
C GLU A 80 -14.19 38.88 3.80
N THR A 81 -15.36 38.54 4.36
CA THR A 81 -16.55 38.25 3.58
C THR A 81 -17.72 39.16 3.90
N GLU A 82 -18.46 39.57 2.85
CA GLU A 82 -19.69 40.32 2.93
C GLU A 82 -20.83 39.42 2.42
N LEU A 83 -21.87 39.26 3.23
CA LEU A 83 -23.02 38.43 2.89
C LEU A 83 -24.32 39.04 3.39
N LEU A 84 -25.43 38.52 2.85
CA LEU A 84 -26.77 38.85 3.28
C LEU A 84 -27.35 37.58 3.90
N TRP A 85 -28.09 37.74 5.00
CA TRP A 85 -28.74 36.64 5.71
C TRP A 85 -30.19 36.98 6.05
N LYS A 86 -31.07 35.96 6.00
CA LYS A 86 -32.49 36.05 6.33
C LYS A 86 -32.82 34.97 7.35
N CYS A 87 -33.24 35.39 8.55
CA CYS A 87 -33.62 34.50 9.65
C CYS A 87 -34.52 35.21 10.67
N PRO A 88 -35.74 34.70 10.93
CA PRO A 88 -36.60 35.36 11.94
C PRO A 88 -36.17 35.06 13.37
N ASP A 89 -35.41 33.96 13.58
CA ASP A 89 -34.91 33.53 14.88
C ASP A 89 -33.59 34.23 15.28
N LEU A 90 -33.12 35.16 14.43
CA LEU A 90 -31.87 35.90 14.60
C LEU A 90 -32.03 37.39 14.37
N THR A 91 -31.21 38.22 15.06
CA THR A 91 -31.15 39.68 14.94
C THR A 91 -29.68 40.14 14.84
N THR A 92 -29.44 41.28 14.15
CA THR A 92 -28.12 41.90 13.95
C THR A 92 -27.35 42.09 15.28
N ASN A 93 -28.08 42.39 16.39
CA ASN A 93 -27.52 42.62 17.72
C ASN A 93 -27.23 41.37 18.59
N THR A 94 -27.66 40.17 18.15
CA THR A 94 -27.46 38.92 18.88
C THR A 94 -26.59 37.89 18.14
N ILE A 95 -26.13 38.25 16.91
CA ILE A 95 -25.26 37.45 16.08
C ILE A 95 -23.92 37.25 16.81
N THR A 96 -23.38 36.02 16.77
CA THR A 96 -22.12 35.69 17.42
C THR A 96 -21.04 35.53 16.35
N VAL A 97 -20.06 36.44 16.32
CA VAL A 97 -18.93 36.40 15.41
C VAL A 97 -17.68 36.50 16.26
N LYS A 98 -16.88 35.42 16.30
CA LYS A 98 -15.66 35.45 17.09
C LYS A 98 -14.44 34.91 16.39
N PRO A 99 -13.27 35.55 16.55
CA PRO A 99 -12.07 35.06 15.85
C PRO A 99 -11.71 33.61 16.19
N ASN A 100 -11.33 32.84 15.16
CA ASN A 100 -10.87 31.46 15.29
C ASN A 100 -9.34 31.49 15.23
N HIS A 101 -8.67 30.89 16.22
CA HIS A 101 -7.20 30.85 16.27
C HIS A 101 -6.62 29.44 16.10
N THR A 102 -7.43 28.47 15.68
CA THR A 102 -7.02 27.06 15.53
C THR A 102 -7.07 26.46 14.12
N MET A 103 -7.55 27.21 13.10
CA MET A 103 -7.57 26.73 11.71
C MET A 103 -6.15 26.41 11.22
N LYS A 104 -5.13 27.13 11.75
CA LYS A 104 -3.73 26.90 11.40
C LYS A 104 -3.33 25.44 11.60
N TYR A 105 -3.75 24.85 12.74
CA TYR A 105 -3.51 23.46 13.13
C TYR A 105 -4.07 22.47 12.13
N ILE A 106 -5.25 22.77 11.53
CA ILE A 106 -5.92 21.92 10.54
C ILE A 106 -5.18 21.98 9.21
N TYR A 107 -4.84 23.19 8.71
CA TYR A 107 -4.13 23.36 7.44
C TYR A 107 -2.75 22.71 7.46
N ASN A 108 -1.99 22.89 8.57
CA ASN A 108 -0.67 22.26 8.74
C ASN A 108 -0.78 20.74 8.61
N LEU A 109 -1.84 20.17 9.16
CA LEU A 109 -2.13 18.74 9.13
C LEU A 109 -2.53 18.27 7.76
N HIS A 110 -3.46 18.98 7.10
CA HIS A 110 -3.89 18.66 5.75
C HIS A 110 -2.70 18.60 4.81
N PHE A 111 -1.86 19.66 4.80
CA PHE A 111 -0.71 19.74 3.91
C PHE A 111 0.35 18.68 4.14
N MET A 112 0.43 18.17 5.40
CA MET A 112 1.34 17.08 5.72
C MET A 112 0.80 15.75 5.23
N LEU A 113 -0.55 15.58 5.20
CA LEU A 113 -1.22 14.43 4.61
C LEU A 113 -1.10 14.52 3.10
N GLU A 114 -1.25 15.74 2.55
CA GLU A 114 -1.13 15.96 1.10
C GLU A 114 0.26 15.53 0.59
N LYS A 115 1.33 15.85 1.35
CA LYS A 115 2.73 15.49 1.05
C LYS A 115 2.87 13.95 0.92
N ILE A 116 2.23 13.17 1.83
CA ILE A 116 2.20 11.71 1.86
C ILE A 116 1.45 11.16 0.63
N ARG A 117 0.40 11.82 0.19
CA ARG A 117 -0.37 11.38 -0.99
C ARG A 117 0.41 11.60 -2.29
N MET A 118 1.31 12.61 -2.32
CA MET A 118 2.11 12.96 -3.49
C MET A 118 3.39 12.16 -3.56
N SER A 119 4.02 11.89 -2.39
CA SER A 119 5.30 11.22 -2.27
C SER A 119 5.25 9.69 -2.14
N ASN A 120 4.48 9.17 -1.16
CA ASN A 120 4.35 7.74 -0.85
C ASN A 120 3.62 6.93 -1.91
N PHE A 121 3.64 5.60 -1.76
CA PHE A 121 3.04 4.64 -2.69
C PHE A 121 1.49 4.59 -2.57
N GLU A 122 0.98 4.65 -1.35
CA GLU A 122 -0.46 4.71 -1.07
C GLU A 122 -0.65 5.92 -0.15
N GLY A 123 -1.88 6.47 -0.15
CA GLY A 123 -2.28 7.60 0.69
C GLY A 123 -2.31 7.22 2.15
N PRO A 124 -2.31 8.20 3.07
CA PRO A 124 -2.28 7.86 4.50
C PRO A 124 -3.60 7.28 4.97
N ARG A 125 -3.57 6.45 6.02
CA ARG A 125 -4.80 5.92 6.61
C ARG A 125 -4.85 6.42 8.05
N VAL A 126 -5.53 7.56 8.21
CA VAL A 126 -5.61 8.36 9.42
C VAL A 126 -6.81 8.04 10.31
N VAL A 127 -6.58 7.80 11.64
CA VAL A 127 -7.61 7.66 12.69
C VAL A 127 -7.54 8.94 13.48
N ILE A 128 -8.72 9.43 13.88
CA ILE A 128 -8.95 10.58 14.72
C ILE A 128 -9.52 9.97 16.01
N VAL A 129 -8.78 10.20 17.12
CA VAL A 129 -9.04 9.67 18.46
C VAL A 129 -9.17 10.85 19.42
N GLY A 130 -10.09 10.75 20.37
CA GLY A 130 -10.38 11.78 21.38
C GLY A 130 -11.68 11.55 22.12
N GLY A 131 -12.29 12.62 22.63
CA GLY A 131 -13.54 12.48 23.37
C GLY A 131 -14.63 13.48 23.02
N SER A 132 -14.34 14.48 22.15
CA SER A 132 -15.29 15.54 21.78
C SER A 132 -16.02 15.33 20.42
N GLN A 133 -16.73 16.38 19.95
CA GLN A 133 -17.47 16.45 18.68
C GLN A 133 -16.76 17.44 17.75
N THR A 134 -15.68 18.05 18.28
CA THR A 134 -14.79 18.98 17.58
C THR A 134 -13.83 18.15 16.71
N ARG A 135 -14.06 16.83 16.67
CA ARG A 135 -13.28 15.87 15.90
C ARG A 135 -14.17 15.09 14.96
N LYS A 136 -15.30 14.56 15.49
CA LYS A 136 -16.29 13.74 14.77
C LYS A 136 -17.04 14.55 13.70
N THR A 137 -16.87 15.87 13.73
CA THR A 137 -17.39 16.79 12.74
C THR A 137 -16.18 17.61 12.32
N SER A 138 -15.95 18.74 13.03
CA SER A 138 -14.90 19.71 12.78
C SER A 138 -13.66 19.15 12.05
N LEU A 139 -12.85 18.30 12.69
CA LEU A 139 -11.63 17.79 12.05
C LEU A 139 -11.79 16.98 10.78
N SER A 140 -12.41 15.79 10.87
CA SER A 140 -12.59 14.93 9.71
C SER A 140 -13.27 15.56 8.50
N ARG A 141 -14.32 16.38 8.73
CA ARG A 141 -15.09 17.03 7.67
C ARG A 141 -14.24 18.02 6.89
N THR A 142 -13.51 18.89 7.63
CA THR A 142 -12.59 19.88 7.07
C THR A 142 -11.49 19.15 6.28
N LEU A 143 -10.90 18.09 6.85
CA LEU A 143 -9.84 17.34 6.21
C LEU A 143 -10.26 16.74 4.88
N CYS A 144 -11.45 16.09 4.84
CA CYS A 144 -12.06 15.50 3.63
C CYS A 144 -12.33 16.60 2.58
N SER A 145 -12.91 17.75 3.02
CA SER A 145 -13.20 18.91 2.17
C SER A 145 -11.94 19.47 1.51
N TYR A 146 -10.84 19.58 2.29
CA TYR A 146 -9.54 20.09 1.86
C TYR A 146 -8.80 19.13 0.92
N ALA A 147 -8.91 17.83 1.18
CA ALA A 147 -8.31 16.77 0.35
C ALA A 147 -8.73 16.90 -1.13
N LEU A 148 -9.99 17.26 -1.34
CA LEU A 148 -10.62 17.45 -2.65
C LEU A 148 -10.36 18.87 -3.21
N LYS A 149 -10.20 19.87 -2.34
CA LYS A 149 -9.94 21.27 -2.69
C LYS A 149 -8.64 21.48 -3.43
N PHE A 150 -7.52 20.94 -2.91
CA PHE A 150 -6.23 21.14 -3.59
C PHE A 150 -5.77 19.83 -4.18
N ASN A 151 -5.49 19.88 -5.49
CA ASN A 151 -4.98 18.77 -6.31
C ASN A 151 -5.88 17.56 -6.47
N ALA A 152 -7.13 17.69 -6.02
CA ALA A 152 -8.18 16.73 -6.33
C ALA A 152 -8.03 15.26 -5.90
N TYR A 153 -8.19 14.98 -4.62
CA TYR A 153 -8.04 13.64 -4.08
C TYR A 153 -9.42 13.11 -3.75
N GLN A 154 -9.59 11.80 -3.65
CA GLN A 154 -10.86 11.16 -3.36
C GLN A 154 -10.66 10.33 -2.07
N PRO A 155 -10.44 10.93 -0.89
CA PRO A 155 -10.21 10.09 0.29
C PRO A 155 -11.45 9.30 0.66
N LEU A 156 -11.24 8.16 1.32
CA LEU A 156 -12.34 7.36 1.81
C LEU A 156 -12.67 7.85 3.23
N TYR A 157 -13.84 8.45 3.44
CA TYR A 157 -14.25 8.87 4.78
C TYR A 157 -14.89 7.65 5.45
N ILE A 158 -14.37 7.27 6.62
CA ILE A 158 -14.87 6.12 7.35
C ILE A 158 -15.42 6.59 8.67
N ASN A 159 -16.69 6.27 8.95
CA ASN A 159 -17.29 6.64 10.22
C ASN A 159 -17.48 5.39 11.05
N LEU A 160 -16.89 5.36 12.25
CA LEU A 160 -17.04 4.20 13.12
C LEU A 160 -17.87 4.52 14.35
N ASP A 161 -18.53 5.69 14.36
CA ASP A 161 -19.41 6.06 15.45
C ASP A 161 -20.82 5.83 14.94
N PRO A 162 -21.50 4.73 15.38
CA PRO A 162 -22.83 4.42 14.87
C PRO A 162 -23.93 5.40 15.29
N GLN A 163 -23.69 6.21 16.34
CA GLN A 163 -24.70 7.17 16.80
C GLN A 163 -24.72 8.44 15.95
N GLN A 164 -23.71 8.58 15.09
CA GLN A 164 -23.50 9.75 14.22
C GLN A 164 -23.94 9.46 12.79
N PRO A 165 -25.10 10.00 12.33
CA PRO A 165 -25.55 9.71 10.96
C PRO A 165 -24.86 10.54 9.86
N ILE A 166 -23.99 9.90 9.08
CA ILE A 166 -23.24 10.54 7.99
C ILE A 166 -23.44 9.72 6.71
N PHE A 167 -24.10 10.34 5.69
CA PHE A 167 -24.44 9.76 4.35
C PHE A 167 -25.50 8.65 4.41
N THR A 168 -25.96 8.29 5.62
CA THR A 168 -26.95 7.23 5.88
C THR A 168 -27.71 7.53 7.16
N VAL A 169 -28.42 6.48 7.64
CA VAL A 169 -29.26 6.44 8.84
C VAL A 169 -28.38 6.08 10.08
N PRO A 170 -28.83 6.33 11.34
CA PRO A 170 -28.01 5.94 12.50
C PRO A 170 -27.91 4.43 12.72
N GLY A 171 -26.86 4.02 13.41
CA GLY A 171 -26.62 2.62 13.76
C GLY A 171 -25.71 1.94 12.78
N CYS A 172 -25.16 2.73 11.87
CA CYS A 172 -24.26 2.28 10.81
C CYS A 172 -22.87 2.76 11.04
N ILE A 173 -21.92 1.95 10.57
CA ILE A 173 -20.51 2.31 10.39
C ILE A 173 -20.41 2.35 8.85
N SER A 174 -19.65 3.28 8.30
CA SER A 174 -19.61 3.44 6.84
C SER A 174 -18.25 3.82 6.27
N ALA A 175 -18.08 3.61 4.95
CA ALA A 175 -16.91 4.01 4.17
C ALA A 175 -17.43 4.67 2.91
N THR A 176 -17.13 5.95 2.73
CA THR A 176 -17.62 6.73 1.60
C THR A 176 -16.50 7.53 0.93
N PRO A 177 -16.27 7.34 -0.41
CA PRO A 177 -15.26 8.16 -1.11
C PRO A 177 -15.78 9.59 -1.32
N ILE A 178 -14.97 10.57 -0.89
CA ILE A 178 -15.32 11.99 -1.03
C ILE A 178 -14.84 12.41 -2.42
N SER A 179 -15.66 12.04 -3.42
CA SER A 179 -15.39 12.24 -4.85
C SER A 179 -15.70 13.66 -5.39
N ASP A 180 -16.56 14.38 -4.69
CA ASP A 180 -16.94 15.75 -5.01
C ASP A 180 -17.46 16.40 -3.73
N ILE A 181 -17.70 17.71 -3.81
CA ILE A 181 -18.07 18.52 -2.65
C ILE A 181 -19.22 18.01 -1.85
N LEU A 182 -19.12 18.22 -0.55
CA LEU A 182 -20.11 17.87 0.45
C LEU A 182 -21.18 18.94 0.40
N ASP A 183 -22.37 18.65 1.00
CA ASP A 183 -23.47 19.60 1.09
C ASP A 183 -23.28 20.45 2.34
N ALA A 184 -22.86 21.72 2.15
CA ALA A 184 -22.59 22.68 3.24
C ALA A 184 -23.82 22.92 4.14
N GLN A 185 -25.02 22.69 3.57
CA GLN A 185 -26.33 22.90 4.20
C GLN A 185 -26.71 21.81 5.18
N LEU A 186 -26.07 20.62 5.07
CA LEU A 186 -26.43 19.44 5.86
C LEU A 186 -25.49 18.96 6.93
N PRO A 187 -26.06 18.72 8.14
CA PRO A 187 -25.28 18.11 9.24
C PRO A 187 -24.79 16.68 8.92
N THR A 188 -25.44 16.03 7.96
CA THR A 188 -25.17 14.66 7.53
C THR A 188 -24.08 14.53 6.46
N TRP A 189 -23.51 15.69 6.05
CA TRP A 189 -22.44 15.87 5.05
C TRP A 189 -22.95 15.89 3.63
N GLY A 190 -23.94 15.08 3.36
CA GLY A 190 -24.54 14.91 2.04
C GLY A 190 -25.38 13.66 1.96
N GLN A 191 -25.69 13.22 0.73
CA GLN A 191 -26.59 12.09 0.51
C GLN A 191 -26.04 11.02 -0.41
N SER A 192 -26.61 9.81 -0.30
CA SER A 192 -26.26 8.70 -1.17
C SER A 192 -27.00 8.86 -2.53
N LEU A 193 -26.61 8.06 -3.55
CA LEU A 193 -27.20 8.16 -4.88
C LEU A 193 -28.73 8.11 -4.94
N THR A 194 -29.29 8.84 -5.91
CA THR A 194 -30.70 8.93 -6.21
C THR A 194 -30.91 8.53 -7.69
N SER A 195 -32.15 8.15 -8.04
CA SER A 195 -32.52 7.72 -9.38
C SER A 195 -32.51 8.80 -10.46
N GLY A 196 -32.39 10.07 -10.05
CA GLY A 196 -32.42 11.20 -10.97
C GLY A 196 -31.27 12.18 -10.94
N ALA A 197 -31.57 13.41 -11.37
CA ALA A 197 -30.65 14.53 -11.52
C ALA A 197 -30.68 15.48 -10.31
N THR A 198 -29.48 15.79 -9.78
CA THR A 198 -29.26 16.65 -8.60
C THR A 198 -28.23 17.77 -8.90
N LEU A 199 -28.28 18.89 -8.15
CA LEU A 199 -27.32 20.00 -8.29
C LEU A 199 -25.92 19.50 -7.96
N LEU A 200 -25.79 18.87 -6.77
CA LEU A 200 -24.54 18.30 -6.29
C LEU A 200 -24.48 16.85 -6.63
N HIS A 201 -23.27 16.34 -6.88
CA HIS A 201 -23.08 14.91 -7.07
C HIS A 201 -23.19 14.26 -5.69
N ASN A 202 -24.01 13.21 -5.60
CA ASN A 202 -24.22 12.47 -4.38
C ASN A 202 -23.15 11.39 -4.22
N LYS A 203 -23.14 10.79 -3.05
CA LYS A 203 -22.20 9.79 -2.65
C LYS A 203 -22.69 8.35 -2.83
N GLN A 204 -21.73 7.39 -2.91
CA GLN A 204 -22.00 5.97 -3.05
C GLN A 204 -21.32 5.27 -1.84
N PRO A 205 -22.01 5.24 -0.68
CA PRO A 205 -21.36 4.68 0.52
C PRO A 205 -21.44 3.18 0.67
N MET A 206 -20.48 2.64 1.45
CA MET A 206 -20.49 1.24 1.88
C MET A 206 -20.95 1.29 3.32
N VAL A 207 -22.06 0.62 3.62
CA VAL A 207 -22.66 0.66 4.95
C VAL A 207 -22.68 -0.70 5.66
N LYS A 208 -22.31 -0.74 6.95
CA LYS A 208 -22.41 -1.95 7.79
C LYS A 208 -23.34 -1.64 8.96
N ASN A 209 -24.38 -2.46 9.13
CA ASN A 209 -25.37 -2.30 10.17
C ASN A 209 -24.97 -2.85 11.52
N PHE A 210 -24.79 -1.95 12.50
CA PHE A 210 -24.55 -2.34 13.90
C PHE A 210 -25.94 -2.48 14.52
N GLY A 211 -26.78 -1.45 14.35
CA GLY A 211 -28.19 -1.45 14.73
C GLY A 211 -28.58 -1.02 16.13
N LEU A 212 -27.76 -1.38 17.12
CA LEU A 212 -28.01 -1.05 18.53
C LEU A 212 -27.62 0.40 18.81
N GLU A 213 -28.22 1.01 19.86
CA GLU A 213 -27.96 2.40 20.19
C GLU A 213 -26.56 2.72 20.77
N ARG A 214 -25.89 1.74 21.42
CA ARG A 214 -24.56 1.96 22.00
C ARG A 214 -23.62 0.77 21.77
N ILE A 215 -22.31 1.06 21.61
CA ILE A 215 -21.21 0.08 21.44
C ILE A 215 -21.24 -0.98 22.58
N ASN A 216 -21.47 -0.51 23.84
CA ASN A 216 -21.53 -1.35 25.04
C ASN A 216 -22.57 -2.46 24.96
N GLU A 217 -23.71 -2.21 24.23
CA GLU A 217 -24.81 -3.16 24.00
C GLU A 217 -24.41 -4.49 23.38
N ASN A 218 -23.32 -4.51 22.58
CA ASN A 218 -22.76 -5.71 21.94
C ASN A 218 -21.41 -5.35 21.30
N LYS A 219 -20.34 -5.43 22.11
CA LYS A 219 -18.98 -5.09 21.70
C LYS A 219 -18.44 -6.02 20.63
N ASP A 220 -18.71 -7.34 20.74
CA ASP A 220 -18.29 -8.34 19.76
C ASP A 220 -18.91 -8.09 18.38
N LEU A 221 -20.20 -7.65 18.35
CA LEU A 221 -20.90 -7.35 17.09
C LEU A 221 -20.33 -6.08 16.48
N TYR A 222 -20.05 -5.05 17.30
CA TYR A 222 -19.42 -3.82 16.81
C TYR A 222 -18.07 -4.16 16.14
N LEU A 223 -17.29 -5.03 16.79
CA LEU A 223 -16.01 -5.47 16.24
C LEU A 223 -16.12 -6.34 14.96
N GLU A 224 -17.25 -7.11 14.79
CA GLU A 224 -17.51 -7.90 13.58
C GLU A 224 -17.80 -6.95 12.43
N CYS A 225 -18.58 -5.87 12.72
CA CYS A 225 -18.91 -4.82 11.77
C CYS A 225 -17.64 -4.21 11.22
N ILE A 226 -16.70 -3.81 12.11
CA ILE A 226 -15.40 -3.24 11.73
C ILE A 226 -14.63 -4.22 10.85
N SER A 227 -14.55 -5.50 11.26
CA SER A 227 -13.88 -6.57 10.49
C SER A 227 -14.45 -6.65 9.06
N GLN A 228 -15.79 -6.62 8.92
CA GLN A 228 -16.50 -6.69 7.64
C GLN A 228 -16.25 -5.47 6.76
N LEU A 229 -16.23 -4.25 7.36
CA LEU A 229 -15.98 -3.02 6.64
C LEU A 229 -14.56 -3.00 6.18
N GLY A 230 -13.65 -3.42 7.04
CA GLY A 230 -12.23 -3.50 6.75
C GLY A 230 -11.95 -4.32 5.52
N GLN A 231 -12.61 -5.47 5.40
CA GLN A 231 -12.47 -6.41 4.28
C GLN A 231 -12.86 -5.76 2.95
N VAL A 232 -14.10 -5.25 2.85
CA VAL A 232 -14.57 -4.59 1.64
C VAL A 232 -13.80 -3.28 1.30
N VAL A 233 -13.37 -2.52 2.33
CA VAL A 233 -12.50 -1.35 2.13
C VAL A 233 -11.14 -1.76 1.43
N GLY A 234 -10.54 -2.84 1.89
CA GLY A 234 -9.31 -3.40 1.30
C GLY A 234 -9.50 -3.74 -0.18
N GLN A 235 -10.66 -4.38 -0.54
CA GLN A 235 -11.01 -4.76 -1.89
C GLN A 235 -11.19 -3.54 -2.82
N ARG A 236 -11.88 -2.48 -2.36
CA ARG A 236 -12.03 -1.19 -3.07
C ARG A 236 -10.65 -0.51 -3.34
N LEU A 237 -9.78 -0.37 -2.30
CA LEU A 237 -8.46 0.24 -2.50
C LEU A 237 -7.63 -0.58 -3.49
N HIS A 238 -7.75 -1.90 -3.41
CA HIS A 238 -7.01 -2.73 -4.33
C HIS A 238 -7.38 -2.45 -5.79
N LEU A 239 -8.69 -2.18 -6.04
CA LEU A 239 -9.20 -1.93 -7.37
C LEU A 239 -9.25 -0.47 -7.81
N ASP A 240 -9.17 0.50 -6.88
CA ASP A 240 -9.34 1.92 -7.23
C ASP A 240 -8.08 2.76 -7.01
N PRO A 241 -7.31 3.05 -8.09
CA PRO A 241 -6.05 3.83 -7.92
C PRO A 241 -6.17 5.18 -7.26
N GLN A 242 -7.23 5.93 -7.64
CA GLN A 242 -7.52 7.27 -7.13
C GLN A 242 -7.78 7.24 -5.65
N VAL A 243 -8.58 6.27 -5.17
CA VAL A 243 -8.91 6.13 -3.74
C VAL A 243 -7.68 5.62 -2.98
N ARG A 244 -6.92 4.66 -3.56
CA ARG A 244 -5.69 4.09 -2.99
C ARG A 244 -4.64 5.21 -2.71
N ARG A 245 -4.41 6.10 -3.71
CA ARG A 245 -3.52 7.25 -3.59
C ARG A 245 -3.99 8.25 -2.60
N SER A 246 -5.34 8.35 -2.39
CA SER A 246 -5.96 9.34 -1.51
C SER A 246 -5.92 8.98 0.00
N GLY A 247 -6.15 7.71 0.30
CA GLY A 247 -6.10 7.25 1.69
C GLY A 247 -7.43 7.28 2.39
N CYS A 248 -7.39 7.23 3.73
CA CYS A 248 -8.59 7.16 4.56
C CYS A 248 -8.52 8.16 5.68
N ILE A 249 -9.71 8.66 6.10
CA ILE A 249 -9.89 9.51 7.26
C ILE A 249 -10.92 8.75 8.10
N VAL A 250 -10.46 8.24 9.25
CA VAL A 250 -11.27 7.39 10.13
C VAL A 250 -11.72 8.07 11.41
N ASP A 251 -13.04 8.13 11.59
CA ASP A 251 -13.62 8.67 12.83
C ASP A 251 -14.02 7.51 13.71
N THR A 252 -13.68 7.58 14.99
CA THR A 252 -13.93 6.53 15.99
C THR A 252 -14.98 7.02 17.01
N PRO A 253 -15.63 6.13 17.82
CA PRO A 253 -16.53 6.62 18.87
C PRO A 253 -15.70 7.21 20.01
N SER A 254 -16.32 8.04 20.90
CA SER A 254 -15.68 8.71 22.06
C SER A 254 -14.85 7.74 22.91
N ILE A 255 -13.70 8.20 23.43
CA ILE A 255 -12.80 7.40 24.28
C ILE A 255 -13.55 6.76 25.47
N SER A 256 -14.51 7.53 26.03
CA SER A 256 -15.39 7.13 27.13
C SER A 256 -16.25 5.91 26.78
N GLN A 257 -16.72 5.82 25.51
CA GLN A 257 -17.55 4.71 25.01
C GLN A 257 -16.77 3.39 24.86
N LEU A 258 -15.44 3.47 24.79
CA LEU A 258 -14.56 2.30 24.64
C LEU A 258 -13.98 1.81 25.98
N ASP A 259 -13.44 0.57 26.01
CA ASP A 259 -12.80 -0.06 27.17
C ASP A 259 -11.58 0.75 27.62
N GLU A 260 -11.14 0.54 28.86
CA GLU A 260 -9.97 1.21 29.45
C GLU A 260 -8.67 0.88 28.71
N ASN A 261 -8.50 -0.40 28.32
CA ASN A 261 -7.32 -0.90 27.60
C ASN A 261 -7.21 -0.37 26.15
N LEU A 262 -8.34 0.15 25.60
CA LEU A 262 -8.50 0.67 24.23
C LEU A 262 -8.28 -0.45 23.20
N ALA A 263 -8.71 -1.67 23.56
CA ALA A 263 -8.59 -2.88 22.74
C ALA A 263 -9.27 -2.74 21.37
N GLU A 264 -10.33 -1.93 21.32
CA GLU A 264 -11.12 -1.66 20.12
C GLU A 264 -10.31 -0.88 19.10
N LEU A 265 -9.42 0.03 19.57
CA LEU A 265 -8.56 0.79 18.67
C LEU A 265 -7.52 -0.10 18.01
N HIS A 266 -7.04 -1.13 18.73
CA HIS A 266 -6.10 -2.10 18.18
C HIS A 266 -6.74 -2.81 17.01
N HIS A 267 -8.01 -3.24 17.20
CA HIS A 267 -8.82 -3.91 16.19
C HIS A 267 -9.01 -3.00 14.97
N ILE A 268 -9.44 -1.71 15.20
CA ILE A 268 -9.61 -0.69 14.16
C ILE A 268 -8.32 -0.54 13.35
N ILE A 269 -7.19 -0.27 14.03
CA ILE A 269 -5.87 -0.14 13.39
C ILE A 269 -5.51 -1.37 12.51
N GLU A 270 -5.72 -2.59 13.02
CA GLU A 270 -5.43 -3.81 12.27
C GLU A 270 -6.34 -3.96 11.04
N LYS A 271 -7.68 -3.91 11.26
CA LYS A 271 -8.68 -4.10 10.20
C LYS A 271 -8.73 -3.02 9.14
N LEU A 272 -8.35 -1.80 9.50
CA LEU A 272 -8.39 -0.68 8.56
C LEU A 272 -7.02 -0.24 8.08
N ASN A 273 -5.96 -0.97 8.51
CA ASN A 273 -4.56 -0.76 8.12
C ASN A 273 -4.12 0.68 8.33
N VAL A 274 -4.42 1.17 9.53
CA VAL A 274 -4.14 2.53 9.93
C VAL A 274 -2.64 2.68 10.14
N ASN A 275 -2.09 3.78 9.58
CA ASN A 275 -0.67 4.08 9.68
C ASN A 275 -0.33 5.41 10.38
N ILE A 276 -1.34 6.28 10.61
CA ILE A 276 -1.22 7.60 11.28
C ILE A 276 -2.37 7.76 12.27
N MET A 277 -2.05 8.29 13.46
CA MET A 277 -3.05 8.58 14.49
C MET A 277 -3.03 10.06 14.89
N LEU A 278 -4.20 10.66 14.98
CA LEU A 278 -4.36 12.04 15.43
C LEU A 278 -5.15 12.03 16.74
N VAL A 279 -4.53 12.57 17.80
CA VAL A 279 -5.10 12.65 19.14
C VAL A 279 -5.54 14.07 19.44
N LEU A 280 -6.80 14.23 19.84
CA LEU A 280 -7.40 15.51 20.23
C LEU A 280 -7.66 15.50 21.71
N CYS A 281 -6.92 16.33 22.43
CA CYS A 281 -7.00 16.50 23.89
C CYS A 281 -6.21 17.77 24.28
N SER A 282 -6.06 18.01 25.59
CA SER A 282 -5.26 19.11 26.16
C SER A 282 -3.87 18.53 26.56
N GLU A 283 -2.83 19.38 26.73
CA GLU A 283 -1.51 18.87 27.15
C GLU A 283 -1.48 18.33 28.60
N THR A 284 -2.57 18.58 29.35
CA THR A 284 -2.78 18.10 30.72
C THR A 284 -3.40 16.69 30.74
N ASP A 285 -4.19 16.33 29.67
CA ASP A 285 -4.89 15.06 29.49
C ASP A 285 -3.92 13.85 29.47
N PRO A 286 -4.16 12.81 30.32
CA PRO A 286 -3.25 11.65 30.34
C PRO A 286 -3.35 10.75 29.12
N LEU A 287 -4.41 10.95 28.29
CA LEU A 287 -4.69 10.22 27.05
C LEU A 287 -3.49 10.26 26.13
N TRP A 288 -2.83 11.43 26.00
CA TRP A 288 -1.67 11.62 25.12
C TRP A 288 -0.55 10.60 25.34
N GLU A 289 -0.12 10.44 26.61
CA GLU A 289 0.94 9.51 26.99
C GLU A 289 0.47 8.07 26.86
N LYS A 290 -0.80 7.80 27.19
CA LYS A 290 -1.45 6.50 27.11
C LYS A 290 -1.40 5.98 25.66
N VAL A 291 -1.81 6.82 24.70
CA VAL A 291 -1.82 6.55 23.26
C VAL A 291 -0.38 6.28 22.76
N LYS A 292 0.56 7.12 23.21
CA LYS A 292 1.99 7.09 22.89
C LYS A 292 2.57 5.72 23.33
N LYS A 293 2.20 5.27 24.55
CA LYS A 293 2.62 4.00 25.16
C LYS A 293 1.96 2.78 24.48
N THR A 294 0.63 2.83 24.24
CA THR A 294 -0.18 1.75 23.66
C THR A 294 0.01 1.52 22.16
N PHE A 295 -0.04 2.60 21.35
CA PHE A 295 0.00 2.50 19.89
C PHE A 295 1.32 2.83 19.22
N GLY A 296 2.20 3.52 19.94
CA GLY A 296 3.55 3.85 19.49
C GLY A 296 4.33 2.64 19.03
N PRO A 297 4.40 1.52 19.82
CA PRO A 297 5.13 0.32 19.35
C PRO A 297 4.65 -0.26 18.01
N GLU A 298 3.36 -0.04 17.67
CA GLU A 298 2.77 -0.50 16.42
C GLU A 298 2.89 0.51 15.29
N LEU A 299 2.56 1.79 15.56
CA LEU A 299 2.54 2.84 14.54
C LEU A 299 3.84 3.56 14.31
N GLY A 300 4.63 3.68 15.37
CA GLY A 300 5.85 4.46 15.38
C GLY A 300 5.45 5.84 15.88
N ASN A 301 6.17 6.38 16.87
CA ASN A 301 5.83 7.67 17.46
C ASN A 301 5.80 8.87 16.51
N ASN A 302 6.63 8.83 15.45
CA ASN A 302 6.70 9.86 14.40
C ASN A 302 5.37 10.02 13.65
N ASN A 303 4.54 8.97 13.71
CA ASN A 303 3.25 8.88 13.06
C ASN A 303 2.05 9.16 14.01
N ILE A 304 2.32 9.55 15.28
CA ILE A 304 1.27 9.94 16.23
C ILE A 304 1.34 11.46 16.45
N PHE A 305 0.22 12.16 16.21
CA PHE A 305 0.16 13.63 16.29
C PHE A 305 -0.85 14.12 17.30
N PHE A 306 -0.49 15.18 18.05
CA PHE A 306 -1.35 15.84 19.04
C PHE A 306 -2.02 17.05 18.39
N ILE A 307 -3.29 17.29 18.73
CA ILE A 307 -4.06 18.46 18.23
C ILE A 307 -4.71 19.17 19.43
N PRO A 308 -4.32 20.45 19.68
CA PRO A 308 -4.96 21.22 20.78
C PRO A 308 -6.42 21.54 20.49
N LYS A 309 -7.23 21.75 21.55
CA LYS A 309 -8.68 21.98 21.52
C LYS A 309 -9.47 22.26 20.19
N LEU A 310 -9.39 23.48 19.60
CA LEU A 310 -10.16 23.97 18.43
C LEU A 310 -11.64 24.27 18.70
N VAL A 316 -22.57 19.57 22.37
CA VAL A 316 -23.90 19.11 21.95
C VAL A 316 -24.58 18.13 22.92
N ASP A 317 -25.88 18.37 23.17
CA ASP A 317 -26.73 17.57 24.06
C ASP A 317 -27.38 16.37 23.35
N ASP A 318 -28.08 15.53 24.14
CA ASP A 318 -28.78 14.35 23.67
C ASP A 318 -30.03 14.68 22.87
N VAL A 319 -30.67 15.80 23.19
CA VAL A 319 -31.87 16.28 22.50
C VAL A 319 -31.51 16.66 21.06
N TYR A 320 -30.32 17.27 20.89
CA TYR A 320 -29.74 17.65 19.60
C TYR A 320 -29.41 16.38 18.81
N LYS A 321 -28.78 15.38 19.49
CA LYS A 321 -28.41 14.08 18.93
C LYS A 321 -29.65 13.35 18.43
N ARG A 322 -30.70 13.30 19.24
CA ARG A 322 -31.97 12.66 18.90
C ARG A 322 -32.64 13.33 17.71
N SER A 323 -32.53 14.68 17.63
CA SER A 323 -33.08 15.49 16.55
C SER A 323 -32.35 15.20 15.25
N LEU A 324 -31.01 15.09 15.33
CA LEU A 324 -30.11 14.81 14.22
C LEU A 324 -30.36 13.39 13.67
N GLN A 325 -30.68 12.44 14.56
CA GLN A 325 -30.98 11.07 14.17
C GLN A 325 -32.32 11.02 13.41
N ARG A 326 -33.29 11.80 13.85
CA ARG A 326 -34.62 11.91 13.23
C ARG A 326 -34.51 12.51 11.83
N THR A 327 -33.77 13.61 11.71
CA THR A 327 -33.52 14.37 10.49
C THR A 327 -32.92 13.48 9.39
N SER A 328 -31.93 12.63 9.75
CA SER A 328 -31.23 11.74 8.81
C SER A 328 -32.11 10.61 8.31
N ILE A 329 -33.03 10.10 9.17
CA ILE A 329 -33.98 9.05 8.79
C ILE A 329 -34.96 9.61 7.76
N ARG A 330 -35.54 10.80 8.01
CA ARG A 330 -36.45 11.45 7.05
C ARG A 330 -35.69 11.71 5.72
N GLU A 331 -34.46 12.20 5.82
CA GLU A 331 -33.60 12.48 4.68
C GLU A 331 -33.35 11.24 3.82
N TYR A 332 -33.17 10.06 4.46
CA TYR A 332 -32.93 8.81 3.73
C TYR A 332 -34.06 8.49 2.77
N PHE A 333 -35.31 8.66 3.20
CA PHE A 333 -36.48 8.34 2.39
C PHE A 333 -36.99 9.51 1.54
N TYR A 334 -37.00 10.73 2.09
CA TYR A 334 -37.59 11.93 1.47
C TYR A 334 -36.61 12.97 0.90
N GLY A 335 -35.33 12.83 1.19
CA GLY A 335 -34.29 13.74 0.72
C GLY A 335 -34.21 15.01 1.54
N SER A 336 -33.51 16.03 1.02
CA SER A 336 -33.33 17.33 1.68
C SER A 336 -34.33 18.36 1.13
N LEU A 337 -34.25 19.61 1.63
CA LEU A 337 -35.13 20.72 1.23
C LEU A 337 -35.09 21.02 -0.28
N ASP A 338 -33.89 20.96 -0.90
CA ASP A 338 -33.71 21.24 -2.31
C ASP A 338 -33.61 19.97 -3.16
N THR A 339 -33.82 18.78 -2.53
CA THR A 339 -33.72 17.47 -3.17
C THR A 339 -34.90 16.60 -2.72
N ALA A 340 -36.10 16.94 -3.19
CA ALA A 340 -37.32 16.21 -2.86
C ALA A 340 -37.30 14.82 -3.50
N LEU A 341 -37.40 13.77 -2.64
CA LEU A 341 -37.44 12.35 -3.06
C LEU A 341 -38.78 11.72 -2.73
N SER A 342 -39.20 10.70 -3.50
CA SER A 342 -40.47 9.98 -3.31
C SER A 342 -40.31 8.54 -2.78
N PRO A 343 -40.46 8.30 -1.45
CA PRO A 343 -40.41 6.90 -0.99
C PRO A 343 -41.72 6.19 -1.37
N TYR A 344 -41.81 4.88 -1.16
CA TYR A 344 -42.97 4.12 -1.57
C TYR A 344 -43.52 3.26 -0.44
N ALA A 345 -44.82 3.42 -0.13
CA ALA A 345 -45.51 2.69 0.94
C ALA A 345 -46.22 1.43 0.40
N ILE A 346 -45.84 0.25 0.90
CA ILE A 346 -46.39 -1.03 0.47
C ILE A 346 -46.96 -1.82 1.66
N GLY A 347 -48.10 -2.49 1.44
CA GLY A 347 -48.75 -3.31 2.44
C GLY A 347 -48.32 -4.75 2.28
N VAL A 348 -47.90 -5.39 3.38
CA VAL A 348 -47.44 -6.78 3.34
C VAL A 348 -48.04 -7.65 4.45
N ASP A 349 -48.18 -8.95 4.19
CA ASP A 349 -48.68 -9.90 5.19
C ASP A 349 -47.52 -10.32 6.08
N TYR A 350 -47.80 -10.67 7.35
CA TYR A 350 -46.84 -11.13 8.37
C TYR A 350 -45.89 -12.22 7.78
N GLU A 351 -46.46 -13.13 6.97
CA GLU A 351 -45.84 -14.27 6.28
C GLU A 351 -44.76 -13.87 5.30
N ASP A 352 -44.86 -12.68 4.69
CA ASP A 352 -43.91 -12.14 3.70
C ASP A 352 -42.60 -11.57 4.28
N LEU A 353 -42.44 -11.53 5.61
CA LEU A 353 -41.24 -10.98 6.24
C LEU A 353 -40.46 -11.96 7.11
N THR A 354 -39.12 -11.90 6.99
CA THR A 354 -38.17 -12.69 7.75
C THR A 354 -37.26 -11.69 8.43
N ILE A 355 -37.58 -11.34 9.68
CA ILE A 355 -36.84 -10.38 10.50
C ILE A 355 -36.05 -11.09 11.60
N TRP A 356 -34.78 -10.68 11.74
CA TRP A 356 -33.85 -11.14 12.76
C TRP A 356 -33.56 -9.95 13.66
N LYS A 357 -33.11 -10.23 14.89
CA LYS A 357 -32.78 -9.22 15.90
C LYS A 357 -31.40 -9.57 16.44
N PRO A 358 -30.49 -8.59 16.63
CA PRO A 358 -29.16 -8.93 17.15
C PRO A 358 -29.15 -9.27 18.65
N SER A 359 -28.16 -10.08 19.05
CA SER A 359 -27.87 -10.41 20.45
C SER A 359 -27.46 -9.08 21.11
N ASN A 360 -27.90 -8.84 22.35
CA ASN A 360 -27.57 -7.61 23.07
C ASN A 360 -27.56 -7.81 24.58
N VAL A 361 -26.90 -6.89 25.30
CA VAL A 361 -26.76 -6.90 26.77
C VAL A 361 -28.11 -6.85 27.50
N PHE A 362 -29.05 -6.00 27.05
CA PHE A 362 -30.38 -5.88 27.65
C PHE A 362 -31.21 -7.17 27.57
N ASP A 363 -31.49 -7.64 26.34
CA ASP A 363 -32.32 -8.84 26.09
C ASP A 363 -31.67 -10.14 26.52
N ASN A 364 -30.38 -10.29 26.25
CA ASN A 364 -29.59 -11.45 26.65
C ASN A 364 -28.73 -10.91 27.79
N GLU A 365 -27.46 -11.28 27.95
CA GLU A 365 -26.65 -10.72 29.05
C GLU A 365 -25.23 -10.56 28.59
N VAL A 366 -24.85 -11.41 27.66
CA VAL A 366 -23.53 -11.48 27.09
C VAL A 366 -23.30 -10.43 25.98
N GLY A 367 -23.99 -10.58 24.85
CA GLY A 367 -23.80 -9.75 23.67
C GLY A 367 -22.81 -10.44 22.75
N ARG A 368 -23.33 -11.36 21.91
CA ARG A 368 -22.53 -12.20 21.00
C ARG A 368 -22.78 -11.88 19.52
N VAL A 369 -21.95 -12.44 18.63
CA VAL A 369 -22.13 -12.29 17.19
C VAL A 369 -23.20 -13.34 16.79
N GLU A 370 -24.47 -13.04 17.08
CA GLU A 370 -25.61 -13.90 16.73
C GLU A 370 -26.90 -13.13 16.60
N LEU A 371 -27.84 -13.67 15.82
CA LEU A 371 -29.14 -13.07 15.60
C LEU A 371 -30.23 -14.00 16.09
N PHE A 372 -31.37 -13.43 16.46
CA PHE A 372 -32.52 -14.18 16.93
C PHE A 372 -33.76 -13.87 16.10
N PRO A 373 -34.60 -14.88 15.75
CA PRO A 373 -35.85 -14.59 15.01
C PRO A 373 -36.78 -13.63 15.76
N VAL A 374 -37.48 -12.75 15.03
CA VAL A 374 -38.39 -11.75 15.61
C VAL A 374 -39.82 -12.19 15.40
N THR A 375 -40.68 -12.03 16.44
CA THR A 375 -42.11 -12.33 16.38
C THR A 375 -42.83 -11.04 15.94
N ILE A 376 -43.59 -11.10 14.83
CA ILE A 376 -44.31 -9.94 14.29
C ILE A 376 -45.38 -9.43 15.29
N THR A 377 -44.99 -8.40 16.08
CA THR A 377 -45.79 -7.78 17.15
C THR A 377 -45.66 -6.26 17.07
N PRO A 378 -46.76 -5.49 17.27
CA PRO A 378 -46.65 -4.01 17.23
C PRO A 378 -45.64 -3.43 18.23
N SER A 379 -45.38 -4.13 19.35
CA SER A 379 -44.40 -3.71 20.37
C SER A 379 -42.96 -3.87 19.81
N ASN A 380 -42.77 -4.88 18.95
CA ASN A 380 -41.48 -5.19 18.35
C ASN A 380 -41.17 -4.36 17.10
N LEU A 381 -42.13 -4.26 16.15
CA LEU A 381 -41.91 -3.62 14.85
C LEU A 381 -42.54 -2.27 14.52
N GLN A 382 -43.55 -1.79 15.27
CA GLN A 382 -44.13 -0.49 14.87
C GLN A 382 -43.16 0.68 15.06
N HIS A 383 -43.01 1.47 13.98
CA HIS A 383 -42.14 2.64 13.82
C HIS A 383 -40.66 2.26 13.77
N ALA A 384 -40.38 0.97 13.60
CA ALA A 384 -39.02 0.43 13.56
C ALA A 384 -38.31 0.62 12.22
N ILE A 385 -37.00 0.92 12.28
CA ILE A 385 -36.12 0.99 11.13
C ILE A 385 -35.54 -0.44 10.99
N ILE A 386 -35.65 -1.01 9.80
CA ILE A 386 -35.20 -2.37 9.50
C ILE A 386 -34.14 -2.32 8.40
N ALA A 387 -33.07 -3.12 8.53
CA ALA A 387 -32.02 -3.20 7.50
C ALA A 387 -32.38 -4.36 6.57
N ILE A 388 -32.22 -4.13 5.26
CA ILE A 388 -32.51 -5.13 4.23
C ILE A 388 -31.16 -5.63 3.76
N THR A 389 -30.92 -6.93 3.85
CA THR A 389 -29.63 -7.53 3.45
C THR A 389 -29.71 -8.07 2.04
N PHE A 390 -28.58 -8.57 1.53
CA PHE A 390 -28.58 -9.21 0.22
C PHE A 390 -28.93 -10.70 0.29
N ALA A 391 -29.11 -11.25 1.51
CA ALA A 391 -29.38 -12.65 1.74
C ALA A 391 -30.84 -13.03 1.52
N GLU A 392 -31.08 -14.26 1.01
CA GLU A 392 -32.41 -14.80 0.76
C GLU A 392 -33.16 -15.01 2.08
N ARG A 393 -34.52 -14.98 2.04
CA ARG A 393 -35.34 -15.11 3.26
C ARG A 393 -34.96 -16.33 4.11
N ARG A 394 -34.80 -17.48 3.44
CA ARG A 394 -34.47 -18.73 4.08
C ARG A 394 -33.02 -18.89 4.52
N ALA A 395 -32.14 -17.90 4.22
CA ALA A 395 -30.72 -17.91 4.61
C ALA A 395 -30.56 -18.09 6.10
N ASP A 396 -29.53 -18.86 6.50
CA ASP A 396 -29.23 -19.15 7.89
C ASP A 396 -28.59 -17.93 8.59
N GLN A 397 -28.67 -17.88 9.92
CA GLN A 397 -28.15 -16.85 10.83
C GLN A 397 -26.74 -16.34 10.50
N ALA A 398 -25.81 -17.26 10.21
CA ALA A 398 -24.41 -16.99 9.90
C ALA A 398 -24.25 -16.31 8.56
N THR A 399 -25.20 -16.54 7.63
CA THR A 399 -25.15 -15.94 6.28
C THR A 399 -25.66 -14.52 6.37
N VAL A 400 -26.79 -14.35 7.07
CA VAL A 400 -27.47 -13.07 7.29
C VAL A 400 -26.53 -12.04 7.93
N ILE A 401 -25.84 -12.46 9.01
CA ILE A 401 -24.93 -11.63 9.78
C ILE A 401 -23.70 -11.13 8.98
N LYS A 402 -23.30 -11.87 7.91
CA LYS A 402 -22.18 -11.56 7.00
C LYS A 402 -22.63 -10.88 5.69
N SER A 403 -23.93 -10.77 5.49
CA SER A 403 -24.49 -10.23 4.26
C SER A 403 -24.45 -8.70 4.14
N PRO A 404 -24.04 -8.17 2.95
CA PRO A 404 -24.10 -6.70 2.77
C PRO A 404 -25.51 -6.15 2.92
N ILE A 405 -25.62 -4.83 3.20
CA ILE A 405 -26.89 -4.11 3.36
C ILE A 405 -27.33 -3.50 2.01
N LEU A 406 -28.59 -3.80 1.58
CA LEU A 406 -29.26 -3.27 0.40
C LEU A 406 -29.81 -1.86 0.69
N GLY A 407 -30.35 -1.69 1.87
CA GLY A 407 -30.90 -0.42 2.31
C GLY A 407 -31.73 -0.59 3.56
N PHE A 408 -32.61 0.37 3.81
CA PHE A 408 -33.43 0.40 5.01
C PHE A 408 -34.87 0.53 4.68
N ALA A 409 -35.72 0.07 5.59
CA ALA A 409 -37.15 0.24 5.45
C ALA A 409 -37.68 0.72 6.80
N LEU A 410 -38.88 1.30 6.78
CA LEU A 410 -39.57 1.76 7.97
C LEU A 410 -40.93 1.09 8.06
N ILE A 411 -41.20 0.42 9.18
CA ILE A 411 -42.51 -0.22 9.41
C ILE A 411 -43.38 0.83 10.14
N THR A 412 -44.23 1.54 9.40
CA THR A 412 -45.10 2.61 9.93
C THR A 412 -46.32 2.13 10.73
N GLU A 413 -46.87 0.94 10.38
CA GLU A 413 -48.08 0.44 11.01
C GLU A 413 -48.08 -1.09 11.07
N VAL A 414 -48.59 -1.64 12.18
CA VAL A 414 -48.72 -3.09 12.36
C VAL A 414 -50.18 -3.33 12.75
N ASN A 415 -50.92 -4.05 11.89
CA ASN A 415 -52.32 -4.40 12.12
C ASN A 415 -52.42 -5.86 12.55
N GLU A 416 -52.87 -6.08 13.79
CA GLU A 416 -52.98 -7.42 14.34
C GLU A 416 -54.15 -8.23 13.78
N LYS A 417 -55.36 -7.62 13.72
CA LYS A 417 -56.55 -8.33 13.21
C LYS A 417 -56.33 -8.86 11.80
N ARG A 418 -56.18 -7.96 10.79
CA ARG A 418 -55.84 -8.39 9.44
C ARG A 418 -54.34 -8.38 9.49
N ARG A 419 -53.72 -9.56 9.72
CA ARG A 419 -52.27 -9.74 9.90
C ARG A 419 -51.36 -9.09 8.83
N LYS A 420 -51.39 -7.75 8.78
CA LYS A 420 -50.68 -6.95 7.78
C LYS A 420 -49.82 -5.83 8.37
N LEU A 421 -48.84 -5.37 7.58
CA LEU A 421 -47.90 -4.30 7.95
C LEU A 421 -47.82 -3.28 6.82
N ARG A 422 -47.71 -2.00 7.19
CA ARG A 422 -47.47 -0.93 6.23
C ARG A 422 -45.97 -0.64 6.30
N VAL A 423 -45.25 -0.89 5.19
CA VAL A 423 -43.81 -0.70 5.10
C VAL A 423 -43.49 0.44 4.13
N LEU A 424 -42.58 1.35 4.55
CA LEU A 424 -42.11 2.45 3.70
C LEU A 424 -40.74 2.04 3.15
N LEU A 425 -40.58 2.09 1.82
CA LEU A 425 -39.33 1.74 1.12
C LEU A 425 -38.72 2.98 0.46
N PRO A 426 -37.37 3.09 0.34
CA PRO A 426 -36.81 4.25 -0.38
C PRO A 426 -37.06 4.17 -1.91
N VAL A 427 -37.17 2.96 -2.45
CA VAL A 427 -37.32 2.67 -3.87
C VAL A 427 -38.74 2.19 -4.20
N PRO A 428 -39.46 2.85 -5.16
CA PRO A 428 -40.79 2.34 -5.53
C PRO A 428 -40.62 1.01 -6.23
N GLY A 429 -41.49 0.07 -5.90
CA GLY A 429 -41.39 -1.28 -6.44
C GLY A 429 -41.77 -2.33 -5.44
N ARG A 430 -41.27 -3.56 -5.64
CA ARG A 430 -41.65 -4.63 -4.72
C ARG A 430 -40.85 -4.71 -3.48
N LEU A 431 -41.40 -5.40 -2.46
CA LEU A 431 -40.68 -5.63 -1.22
C LEU A 431 -39.56 -6.64 -1.54
N PRO A 432 -38.27 -6.28 -1.35
CA PRO A 432 -37.19 -7.24 -1.63
C PRO A 432 -37.38 -8.55 -0.85
N SER A 433 -37.26 -9.69 -1.56
CA SER A 433 -37.40 -11.01 -0.95
C SER A 433 -36.03 -11.39 -0.38
N LYS A 434 -35.68 -10.75 0.74
CA LYS A 434 -34.39 -10.81 1.42
C LYS A 434 -34.57 -10.90 2.94
N ALA A 435 -33.58 -11.49 3.64
CA ALA A 435 -33.56 -11.57 5.11
C ALA A 435 -33.35 -10.14 5.66
N MET A 436 -34.07 -9.83 6.74
CA MET A 436 -34.04 -8.50 7.33
C MET A 436 -33.60 -8.49 8.78
N ILE A 437 -33.05 -7.33 9.26
CA ILE A 437 -32.54 -7.16 10.62
C ILE A 437 -33.16 -5.93 11.28
N LEU A 438 -33.78 -6.13 12.45
CA LEU A 438 -34.40 -5.08 13.25
C LEU A 438 -33.32 -4.21 13.95
N THR A 439 -33.47 -2.86 13.88
CA THR A 439 -32.55 -1.93 14.53
C THR A 439 -33.23 -1.40 15.82
N SER A 440 -32.47 -0.71 16.69
CA SER A 440 -32.97 -0.09 17.92
C SER A 440 -33.64 1.24 17.62
N TYR A 441 -33.49 1.72 16.38
CA TYR A 441 -33.98 3.02 15.92
C TYR A 441 -35.43 3.06 15.53
N ARG A 442 -36.13 4.09 16.02
CA ARG A 442 -37.55 4.29 15.78
C ARG A 442 -37.82 5.67 15.15
N TYR A 443 -38.88 5.75 14.31
CA TYR A 443 -39.27 6.97 13.60
C TYR A 443 -40.79 7.05 13.39
N LEU A 444 -41.38 8.13 13.87
CA LEU A 444 -42.80 8.38 13.69
C LEU A 444 -42.96 9.67 12.89
N GLU A 445 -43.73 9.64 11.79
CA GLU A 445 -43.91 10.84 10.93
C GLU A 445 -44.67 11.98 11.59
N GLY B 19 40.02 -37.95 -5.83
CA GLY B 19 39.14 -37.45 -6.90
C GLY B 19 38.55 -38.56 -7.77
N ASP B 20 37.46 -38.27 -8.54
CA ASP B 20 36.77 -39.26 -9.39
C ASP B 20 35.77 -38.63 -10.38
N ASN B 21 35.58 -39.27 -11.58
CA ASN B 21 34.59 -38.85 -12.57
C ASN B 21 33.36 -39.82 -12.66
N GLU B 22 33.11 -40.59 -11.58
CA GLU B 22 31.96 -41.49 -11.50
C GLU B 22 30.85 -40.88 -10.62
N TRP B 23 29.70 -41.54 -10.59
CA TRP B 23 28.55 -41.13 -9.78
C TRP B 23 28.64 -41.80 -8.42
N HIS B 24 28.40 -41.01 -7.36
CA HIS B 24 28.43 -41.50 -5.99
C HIS B 24 27.11 -41.20 -5.30
N LYS B 25 26.59 -42.14 -4.52
CA LYS B 25 25.36 -42.03 -3.75
C LYS B 25 25.63 -41.26 -2.46
N LEU B 26 24.68 -40.38 -2.07
CA LEU B 26 24.73 -39.60 -0.83
C LEU B 26 23.37 -39.54 -0.19
N VAL B 27 23.32 -39.84 1.13
CA VAL B 27 22.08 -39.72 1.90
C VAL B 27 22.21 -38.55 2.86
N ILE B 28 21.46 -37.48 2.60
CA ILE B 28 21.45 -36.30 3.46
C ILE B 28 20.30 -36.49 4.44
N PRO B 29 20.58 -36.64 5.75
CA PRO B 29 19.46 -36.79 6.71
C PRO B 29 18.65 -35.50 6.82
N LYS B 30 17.35 -35.64 7.12
CA LYS B 30 16.39 -34.53 7.32
C LYS B 30 16.96 -33.51 8.30
N GLY B 31 16.95 -32.25 7.89
CA GLY B 31 17.43 -31.13 8.68
C GLY B 31 18.91 -30.81 8.57
N SER B 32 19.60 -31.36 7.55
CA SER B 32 21.04 -31.13 7.39
C SER B 32 21.37 -30.45 6.07
N ASP B 33 22.50 -29.74 6.08
CA ASP B 33 23.05 -29.05 4.93
C ASP B 33 24.22 -29.83 4.39
N TRP B 34 24.28 -29.97 3.07
CA TRP B 34 25.44 -30.53 2.41
C TRP B 34 26.13 -29.27 1.94
N GLN B 35 27.23 -28.94 2.64
CA GLN B 35 28.02 -27.75 2.41
C GLN B 35 29.02 -27.94 1.31
N ILE B 36 28.81 -27.16 0.24
CA ILE B 36 29.59 -27.23 -1.00
C ILE B 36 30.42 -25.96 -1.19
N ASP B 37 31.71 -26.13 -1.46
CA ASP B 37 32.65 -25.05 -1.74
C ASP B 37 33.46 -25.45 -2.99
N LEU B 38 32.95 -25.09 -4.17
CA LEU B 38 33.61 -25.38 -5.45
C LEU B 38 34.60 -24.28 -5.76
N LYS B 39 35.84 -24.67 -6.03
CA LYS B 39 36.89 -23.69 -6.29
C LYS B 39 37.43 -23.70 -7.70
N ALA B 40 37.42 -22.52 -8.33
CA ALA B 40 38.00 -22.25 -9.64
C ALA B 40 37.41 -22.94 -10.84
N GLU B 41 37.82 -24.18 -11.04
CA GLU B 41 37.39 -25.04 -12.16
C GLU B 41 36.61 -26.27 -11.71
N GLY B 42 35.99 -26.17 -10.53
CA GLY B 42 35.15 -27.22 -9.95
C GLY B 42 33.78 -27.31 -10.59
N LYS B 43 33.43 -28.49 -11.20
CA LYS B 43 32.13 -28.75 -11.83
C LYS B 43 31.44 -29.95 -11.17
N LEU B 44 30.27 -29.69 -10.53
CA LEU B 44 29.47 -30.69 -9.81
C LEU B 44 28.08 -30.92 -10.43
N ILE B 45 27.72 -32.18 -10.66
CA ILE B 45 26.40 -32.56 -11.20
C ILE B 45 25.66 -33.32 -10.11
N VAL B 46 24.41 -32.92 -9.83
CA VAL B 46 23.57 -33.56 -8.82
C VAL B 46 22.27 -34.06 -9.46
N LYS B 47 21.89 -35.30 -9.16
CA LYS B 47 20.66 -35.94 -9.63
C LYS B 47 20.01 -36.60 -8.40
N VAL B 48 18.88 -36.04 -7.94
CA VAL B 48 18.09 -36.44 -6.78
C VAL B 48 17.23 -37.67 -7.12
N ASN B 49 17.30 -38.73 -6.30
CA ASN B 49 16.53 -39.97 -6.48
C ASN B 49 15.22 -39.97 -5.70
N SER B 50 15.24 -39.49 -4.44
CA SER B 50 14.09 -39.41 -3.51
C SER B 50 14.34 -38.35 -2.45
N GLY B 51 13.28 -37.67 -2.03
CA GLY B 51 13.34 -36.64 -0.99
C GLY B 51 13.17 -35.22 -1.47
N ILE B 52 13.23 -34.25 -0.52
CA ILE B 52 13.11 -32.82 -0.82
C ILE B 52 14.39 -32.11 -0.37
N VAL B 53 15.11 -31.55 -1.33
CA VAL B 53 16.32 -30.76 -1.12
C VAL B 53 16.09 -29.41 -1.74
N GLU B 54 16.66 -28.36 -1.14
CA GLU B 54 16.52 -26.95 -1.51
C GLU B 54 17.82 -26.15 -1.45
N ILE B 55 18.08 -25.34 -2.48
CA ILE B 55 19.20 -24.40 -2.53
C ILE B 55 18.53 -23.05 -2.39
N PHE B 56 18.65 -22.47 -1.19
CA PHE B 56 18.04 -21.25 -0.71
C PHE B 56 16.57 -21.17 -1.07
N GLY B 57 15.82 -22.20 -0.72
CA GLY B 57 14.39 -22.28 -0.93
C GLY B 57 13.93 -22.87 -2.25
N THR B 58 14.83 -22.95 -3.25
CA THR B 58 14.46 -23.50 -4.53
C THR B 58 14.65 -25.00 -4.40
N GLU B 59 13.56 -25.74 -4.61
CA GLU B 59 13.52 -27.19 -4.58
C GLU B 59 14.12 -27.79 -5.85
N LEU B 60 14.97 -28.83 -5.72
CA LEU B 60 15.57 -29.54 -6.86
C LEU B 60 14.63 -30.67 -7.30
N ALA B 61 14.15 -30.63 -8.55
CA ALA B 61 13.24 -31.66 -9.09
C ALA B 61 13.95 -33.03 -9.18
N VAL B 62 13.24 -34.12 -8.82
CA VAL B 62 13.80 -35.49 -8.89
C VAL B 62 14.12 -35.90 -10.32
N ASP B 63 15.15 -36.75 -10.48
CA ASP B 63 15.65 -37.33 -11.74
C ASP B 63 16.17 -36.33 -12.79
N ASP B 64 16.34 -35.06 -12.38
CA ASP B 64 16.83 -33.96 -13.20
C ASP B 64 18.24 -33.62 -12.75
N GLU B 65 19.16 -33.48 -13.70
CA GLU B 65 20.56 -33.15 -13.41
C GLU B 65 20.73 -31.65 -13.27
N TYR B 66 21.36 -31.23 -12.17
CA TYR B 66 21.67 -29.84 -11.86
C TYR B 66 23.19 -29.69 -11.90
N THR B 67 23.73 -28.67 -12.55
CA THR B 67 25.18 -28.45 -12.64
C THR B 67 25.61 -27.15 -11.95
N PHE B 68 26.67 -27.22 -11.14
CA PHE B 68 27.18 -26.08 -10.37
C PHE B 68 28.66 -25.91 -10.63
N GLN B 69 29.11 -24.65 -10.69
CA GLN B 69 30.51 -24.32 -10.94
C GLN B 69 30.93 -23.13 -10.14
N ASN B 70 32.11 -23.23 -9.51
CA ASN B 70 32.81 -22.18 -8.79
C ASN B 70 31.97 -21.19 -7.94
N TRP B 71 31.28 -21.74 -6.93
CA TRP B 71 30.53 -21.06 -5.89
C TRP B 71 30.31 -21.95 -4.66
N LYS B 72 30.10 -21.31 -3.50
CA LYS B 72 29.85 -21.98 -2.23
C LYS B 72 28.42 -21.77 -1.76
N PHE B 73 27.74 -22.88 -1.41
CA PHE B 73 26.33 -22.88 -1.05
C PHE B 73 25.93 -24.17 -0.29
N PRO B 74 24.82 -24.15 0.49
CA PRO B 74 24.36 -25.38 1.14
C PRO B 74 23.16 -26.01 0.41
N ILE B 75 23.11 -27.34 0.32
CA ILE B 75 21.96 -28.05 -0.22
C ILE B 75 21.17 -28.55 1.02
N TYR B 76 20.04 -27.88 1.36
CA TYR B 76 19.28 -28.25 2.57
C TYR B 76 18.26 -29.38 2.39
N ALA B 77 18.30 -30.38 3.29
CA ALA B 77 17.39 -31.51 3.25
C ALA B 77 16.12 -31.28 4.05
N VAL B 78 15.02 -30.88 3.35
CA VAL B 78 13.68 -30.64 3.92
C VAL B 78 13.15 -31.96 4.45
N GLU B 79 13.37 -33.03 3.67
CA GLU B 79 13.06 -34.43 4.00
C GLU B 79 14.35 -35.19 3.76
N GLU B 80 14.54 -36.35 4.41
CA GLU B 80 15.72 -37.20 4.15
C GLU B 80 15.79 -37.43 2.62
N THR B 81 16.94 -37.11 2.03
CA THR B 81 17.14 -37.16 0.58
C THR B 81 18.25 -38.12 0.17
N GLU B 82 18.02 -38.86 -0.93
CA GLU B 82 18.99 -39.74 -1.58
C GLU B 82 19.26 -39.15 -2.95
N LEU B 83 20.54 -38.93 -3.26
CA LEU B 83 20.96 -38.36 -4.53
C LEU B 83 22.25 -38.98 -5.01
N LEU B 84 22.54 -38.76 -6.29
CA LEU B 84 23.80 -39.14 -6.92
C LEU B 84 24.51 -37.85 -7.28
N TRP B 85 25.82 -37.82 -7.11
CA TRP B 85 26.66 -36.67 -7.43
C TRP B 85 27.92 -37.09 -8.19
N LYS B 86 28.36 -36.24 -9.12
CA LYS B 86 29.55 -36.43 -9.94
C LYS B 86 30.42 -35.18 -9.81
N CYS B 87 31.64 -35.34 -9.26
CA CYS B 87 32.62 -34.25 -9.09
C CYS B 87 34.04 -34.79 -8.92
N PRO B 88 35.00 -34.38 -9.78
CA PRO B 88 36.38 -34.87 -9.62
C PRO B 88 37.12 -34.18 -8.47
N ASP B 89 36.66 -32.99 -8.06
CA ASP B 89 37.24 -32.19 -6.99
C ASP B 89 36.73 -32.60 -5.59
N LEU B 90 35.87 -33.64 -5.53
CA LEU B 90 35.22 -34.15 -4.33
C LEU B 90 35.32 -35.67 -4.21
N THR B 91 35.34 -36.17 -2.96
CA THR B 91 35.35 -37.59 -2.59
C THR B 91 34.35 -37.86 -1.47
N THR B 92 33.79 -39.10 -1.43
CA THR B 92 32.81 -39.57 -0.43
C THR B 92 33.30 -39.32 1.03
N ASN B 93 34.63 -39.44 1.26
CA ASN B 93 35.28 -39.26 2.57
C ASN B 93 35.59 -37.80 3.00
N THR B 94 35.43 -36.81 2.10
CA THR B 94 35.71 -35.39 2.40
C THR B 94 34.46 -34.48 2.28
N ILE B 95 33.31 -35.07 1.95
CA ILE B 95 32.02 -34.39 1.86
C ILE B 95 31.65 -33.85 3.25
N THR B 96 31.13 -32.62 3.31
CA THR B 96 30.72 -31.98 4.56
C THR B 96 29.19 -31.94 4.63
N VAL B 97 28.61 -32.71 5.56
CA VAL B 97 27.17 -32.74 5.81
C VAL B 97 26.94 -32.45 7.30
N LYS B 98 26.33 -31.30 7.61
CA LYS B 98 26.11 -30.97 9.01
C LYS B 98 24.72 -30.46 9.32
N PRO B 99 24.12 -30.88 10.47
CA PRO B 99 22.77 -30.41 10.80
C PRO B 99 22.61 -28.89 10.85
N ASN B 100 21.50 -28.40 10.30
CA ASN B 100 21.13 -26.98 10.35
C ASN B 100 20.07 -26.81 11.45
N HIS B 101 20.29 -25.87 12.38
CA HIS B 101 19.37 -25.62 13.50
C HIS B 101 18.68 -24.23 13.45
N THR B 102 18.80 -23.53 12.31
CA THR B 102 18.29 -22.15 12.13
C THR B 102 17.24 -21.94 11.04
N MET B 103 16.88 -22.99 10.26
CA MET B 103 15.82 -22.87 9.25
C MET B 103 14.49 -22.47 9.88
N LYS B 104 14.27 -22.86 11.17
CA LYS B 104 13.04 -22.51 11.90
C LYS B 104 12.79 -21.00 11.89
N TYR B 105 13.85 -20.20 12.13
CA TYR B 105 13.86 -18.73 12.14
C TYR B 105 13.39 -18.14 10.82
N ILE B 106 13.77 -18.77 9.68
CA ILE B 106 13.40 -18.31 8.35
C ILE B 106 11.94 -18.59 8.08
N TYR B 107 11.48 -19.84 8.34
CA TYR B 107 10.07 -20.24 8.10
C TYR B 107 9.10 -19.42 8.91
N ASN B 108 9.40 -19.20 10.22
CA ASN B 108 8.56 -18.37 11.10
C ASN B 108 8.36 -16.97 10.51
N LEU B 109 9.44 -16.42 9.93
CA LEU B 109 9.45 -15.10 9.32
C LEU B 109 8.65 -15.05 8.03
N HIS B 110 8.91 -16.03 7.14
CA HIS B 110 8.20 -16.15 5.87
C HIS B 110 6.70 -16.21 6.10
N PHE B 111 6.24 -17.10 7.00
CA PHE B 111 4.82 -17.30 7.26
C PHE B 111 4.11 -16.10 7.87
N MET B 112 4.90 -15.23 8.53
CA MET B 112 4.43 -13.99 9.10
C MET B 112 4.19 -13.03 7.94
N LEU B 113 5.14 -12.98 7.00
CA LEU B 113 5.02 -12.17 5.80
C LEU B 113 3.86 -12.65 4.92
N GLU B 114 3.70 -13.99 4.77
N GLU B 114 3.70 -13.99 4.79
CA GLU B 114 2.63 -14.62 3.98
CA GLU B 114 2.62 -14.60 4.01
C GLU B 114 1.23 -14.24 4.52
C GLU B 114 1.24 -14.16 4.53
N LYS B 115 1.08 -14.08 5.87
CA LYS B 115 -0.15 -13.67 6.56
C LYS B 115 -0.52 -12.20 6.17
N ILE B 116 0.49 -11.29 6.13
CA ILE B 116 0.40 -9.88 5.74
C ILE B 116 -0.02 -9.76 4.26
N ARG B 117 0.46 -10.63 3.38
CA ARG B 117 0.11 -10.61 1.97
C ARG B 117 -1.34 -11.03 1.72
N MET B 118 -1.87 -11.91 2.59
CA MET B 118 -3.24 -12.44 2.48
C MET B 118 -4.26 -11.53 3.12
N SER B 119 -3.89 -10.93 4.28
CA SER B 119 -4.77 -10.11 5.10
C SER B 119 -4.78 -8.61 4.79
N ASN B 120 -3.60 -7.96 4.79
CA ASN B 120 -3.44 -6.53 4.59
C ASN B 120 -3.77 -6.05 3.18
N PHE B 121 -3.86 -4.71 3.03
CA PHE B 121 -4.24 -4.00 1.81
C PHE B 121 -3.12 -4.08 0.75
N GLU B 122 -1.87 -4.05 1.22
CA GLU B 122 -0.69 -4.23 0.38
C GLU B 122 0.31 -5.17 1.10
N GLY B 123 1.19 -5.77 0.31
CA GLY B 123 2.24 -6.67 0.78
C GLY B 123 3.27 -5.96 1.62
N PRO B 124 4.05 -6.71 2.41
CA PRO B 124 5.01 -6.02 3.29
C PRO B 124 6.20 -5.51 2.53
N ARG B 125 6.86 -4.47 3.02
CA ARG B 125 8.07 -3.96 2.38
C ARG B 125 9.19 -4.08 3.37
N VAL B 126 9.89 -5.21 3.26
CA VAL B 126 10.92 -5.70 4.18
C VAL B 126 12.33 -5.30 3.80
N VAL B 127 13.05 -4.70 4.74
CA VAL B 127 14.45 -4.34 4.61
C VAL B 127 15.30 -5.25 5.53
N ILE B 128 16.39 -5.79 4.97
CA ILE B 128 17.33 -6.64 5.69
C ILE B 128 18.60 -5.83 5.99
N VAL B 129 18.91 -5.66 7.27
CA VAL B 129 20.01 -4.87 7.82
C VAL B 129 20.90 -5.80 8.62
N GLY B 130 22.21 -5.57 8.60
CA GLY B 130 23.19 -6.39 9.30
C GLY B 130 24.64 -6.21 8.87
N GLY B 131 25.51 -7.01 9.49
CA GLY B 131 26.96 -6.98 9.27
C GLY B 131 27.41 -7.81 8.09
N SER B 132 27.45 -9.14 8.26
CA SER B 132 27.92 -10.06 7.23
C SER B 132 26.89 -10.29 6.12
N GLN B 133 27.38 -10.59 4.88
CA GLN B 133 26.51 -10.92 3.74
C GLN B 133 26.21 -12.45 3.78
N THR B 134 25.24 -12.75 4.67
CA THR B 134 24.63 -14.02 5.10
C THR B 134 23.13 -13.70 5.31
N ARG B 135 22.82 -12.40 5.23
CA ARG B 135 21.48 -11.81 5.26
C ARG B 135 21.10 -11.72 3.79
N LYS B 136 22.15 -11.52 2.97
CA LYS B 136 22.09 -11.54 1.52
C LYS B 136 22.14 -13.02 1.22
N THR B 137 21.62 -13.39 0.05
CA THR B 137 21.48 -14.78 -0.38
C THR B 137 20.66 -15.46 0.73
N SER B 138 21.31 -16.22 1.64
CA SER B 138 20.65 -16.94 2.70
C SER B 138 19.22 -16.44 2.94
N LEU B 139 19.03 -15.34 3.71
CA LEU B 139 17.70 -14.81 4.05
C LEU B 139 16.84 -14.33 2.87
N SER B 140 17.29 -13.32 2.11
CA SER B 140 16.65 -12.74 0.88
C SER B 140 16.14 -13.73 -0.12
N ARG B 141 17.04 -14.60 -0.59
CA ARG B 141 16.83 -15.61 -1.62
C ARG B 141 15.82 -16.64 -1.18
N THR B 142 15.91 -17.15 0.09
CA THR B 142 14.98 -18.13 0.65
C THR B 142 13.55 -17.59 0.75
N LEU B 143 13.39 -16.36 1.32
CA LEU B 143 12.11 -15.68 1.46
C LEU B 143 11.48 -15.51 0.08
N CYS B 144 12.28 -15.06 -0.91
CA CYS B 144 11.84 -14.93 -2.31
C CYS B 144 11.37 -16.29 -2.90
N SER B 145 12.20 -17.34 -2.73
CA SER B 145 11.88 -18.69 -3.16
C SER B 145 10.61 -19.20 -2.48
N TYR B 146 10.48 -18.91 -1.17
CA TYR B 146 9.34 -19.25 -0.35
C TYR B 146 8.02 -18.48 -0.65
N ALA B 147 8.09 -17.18 -0.98
CA ALA B 147 6.96 -16.31 -1.39
C ALA B 147 6.19 -16.85 -2.61
N LEU B 148 6.92 -17.49 -3.51
CA LEU B 148 6.46 -18.04 -4.75
C LEU B 148 5.92 -19.47 -4.55
N LYS B 149 6.46 -20.14 -3.55
CA LYS B 149 6.17 -21.52 -3.16
C LYS B 149 4.74 -21.85 -2.70
N PHE B 150 4.07 -20.98 -1.90
CA PHE B 150 2.74 -21.41 -1.44
C PHE B 150 1.49 -20.74 -2.06
N ASN B 151 1.48 -19.39 -2.21
CA ASN B 151 0.30 -18.75 -2.80
C ASN B 151 0.60 -17.96 -4.04
N ALA B 152 1.66 -18.41 -4.73
CA ALA B 152 2.15 -17.84 -5.99
C ALA B 152 2.23 -16.32 -5.96
N TYR B 153 2.97 -15.77 -5.00
CA TYR B 153 3.18 -14.35 -4.97
C TYR B 153 4.30 -14.00 -5.93
N GLN B 154 4.44 -12.70 -6.21
CA GLN B 154 5.45 -12.13 -7.11
C GLN B 154 6.16 -11.00 -6.34
N PRO B 155 6.92 -11.28 -5.26
CA PRO B 155 7.53 -10.15 -4.55
C PRO B 155 8.59 -9.46 -5.41
N LEU B 156 8.82 -8.18 -5.11
CA LEU B 156 9.86 -7.43 -5.78
C LEU B 156 11.14 -7.60 -4.99
N TYR B 157 12.15 -8.28 -5.56
CA TYR B 157 13.44 -8.39 -4.88
C TYR B 157 14.25 -7.14 -5.24
N ILE B 158 14.72 -6.42 -4.23
CA ILE B 158 15.49 -5.19 -4.45
C ILE B 158 16.86 -5.38 -3.87
N ASN B 159 17.89 -5.17 -4.69
CA ASN B 159 19.26 -5.29 -4.23
C ASN B 159 19.88 -3.90 -4.18
N LEU B 160 20.34 -3.50 -3.00
CA LEU B 160 20.97 -2.18 -2.84
C LEU B 160 22.46 -2.28 -2.59
N ASP B 161 23.03 -3.50 -2.73
CA ASP B 161 24.46 -3.70 -2.58
C ASP B 161 25.03 -3.81 -3.99
N PRO B 162 25.68 -2.73 -4.49
CA PRO B 162 26.17 -2.75 -5.88
C PRO B 162 27.31 -3.72 -6.13
N GLN B 163 28.00 -4.20 -5.07
CA GLN B 163 29.12 -5.14 -5.23
C GLN B 163 28.65 -6.55 -5.46
N GLN B 164 27.35 -6.78 -5.26
CA GLN B 164 26.69 -8.09 -5.33
C GLN B 164 25.91 -8.25 -6.64
N PRO B 165 26.41 -9.04 -7.62
CA PRO B 165 25.69 -9.17 -8.90
C PRO B 165 24.52 -10.15 -8.88
N ILE B 166 23.28 -9.62 -8.91
CA ILE B 166 22.03 -10.40 -8.89
C ILE B 166 21.15 -9.98 -10.08
N PHE B 167 20.93 -10.92 -11.05
CA PHE B 167 20.14 -10.77 -12.30
C PHE B 167 20.78 -9.80 -13.32
N THR B 168 21.95 -9.22 -12.99
CA THR B 168 22.68 -8.25 -13.81
C THR B 168 24.17 -8.30 -13.47
N VAL B 169 24.93 -7.30 -13.95
CA VAL B 169 26.37 -7.08 -13.81
C VAL B 169 26.62 -6.29 -12.48
N PRO B 170 27.87 -6.27 -11.94
CA PRO B 170 28.11 -5.50 -10.71
C PRO B 170 28.06 -3.98 -10.90
N GLY B 171 27.80 -3.27 -9.82
CA GLY B 171 27.75 -1.81 -9.81
C GLY B 171 26.36 -1.28 -9.95
N CYS B 172 25.40 -2.18 -9.95
CA CYS B 172 23.98 -1.89 -10.08
C CYS B 172 23.25 -2.11 -8.77
N ILE B 173 22.18 -1.32 -8.60
CA ILE B 173 21.15 -1.50 -7.61
C ILE B 173 19.96 -1.91 -8.51
N SER B 174 19.12 -2.84 -8.06
CA SER B 174 18.05 -3.35 -8.92
C SER B 174 16.76 -3.65 -8.18
N ALA B 175 15.64 -3.79 -8.95
CA ALA B 175 14.33 -4.22 -8.48
C ALA B 175 13.83 -5.23 -9.48
N THR B 176 13.62 -6.47 -9.03
CA THR B 176 13.21 -7.55 -9.91
C THR B 176 12.04 -8.33 -9.32
N PRO B 177 10.91 -8.45 -10.05
CA PRO B 177 9.79 -9.30 -9.57
C PRO B 177 10.13 -10.79 -9.71
N ILE B 178 9.99 -11.53 -8.59
CA ILE B 178 10.27 -12.96 -8.55
C ILE B 178 8.97 -13.64 -9.00
N SER B 179 8.76 -13.65 -10.33
CA SER B 179 7.56 -14.17 -11.00
C SER B 179 7.51 -15.67 -11.18
N ASP B 180 8.66 -16.32 -11.10
CA ASP B 180 8.80 -17.77 -11.21
C ASP B 180 10.12 -18.17 -10.57
N ILE B 181 10.34 -19.48 -10.44
CA ILE B 181 11.50 -20.06 -9.77
C ILE B 181 12.83 -19.52 -10.21
N LEU B 182 13.72 -19.38 -9.23
CA LEU B 182 15.10 -18.95 -9.39
C LEU B 182 15.88 -20.13 -9.92
N ASP B 183 17.09 -19.85 -10.49
CA ASP B 183 18.00 -20.87 -10.99
C ASP B 183 18.88 -21.34 -9.82
N ALA B 184 18.58 -22.55 -9.29
CA ALA B 184 19.30 -23.13 -8.13
C ALA B 184 20.80 -23.31 -8.40
N GLN B 185 21.16 -23.39 -9.71
CA GLN B 185 22.52 -23.61 -10.21
C GLN B 185 23.39 -22.37 -10.15
N LEU B 186 22.77 -21.17 -10.09
CA LEU B 186 23.46 -19.90 -10.18
C LEU B 186 23.58 -19.05 -8.96
N PRO B 187 24.83 -18.57 -8.69
CA PRO B 187 25.06 -17.59 -7.59
C PRO B 187 24.36 -16.25 -7.80
N THR B 188 24.01 -15.97 -9.05
CA THR B 188 23.38 -14.72 -9.50
C THR B 188 21.87 -14.74 -9.40
N TRP B 189 21.29 -15.87 -8.93
CA TRP B 189 19.85 -16.18 -8.73
C TRP B 189 19.16 -16.61 -9.99
N GLY B 190 19.57 -16.04 -11.12
CA GLY B 190 18.98 -16.30 -12.42
C GLY B 190 19.35 -15.24 -13.43
N GLN B 191 18.61 -15.16 -14.55
CA GLN B 191 18.96 -14.24 -15.65
C GLN B 191 17.83 -13.37 -16.12
N SER B 192 18.18 -12.27 -16.80
CA SER B 192 17.22 -11.37 -17.41
C SER B 192 16.72 -11.96 -18.74
N LEU B 193 15.64 -11.41 -19.32
CA LEU B 193 15.07 -11.92 -20.58
C LEU B 193 16.01 -12.10 -21.73
N THR B 194 15.73 -13.12 -22.56
CA THR B 194 16.47 -13.46 -23.76
C THR B 194 15.51 -13.51 -24.97
N SER B 195 16.08 -13.44 -26.18
CA SER B 195 15.35 -13.41 -27.43
C SER B 195 14.74 -14.77 -27.86
N GLY B 196 15.07 -15.82 -27.12
CA GLY B 196 14.60 -17.16 -27.47
C GLY B 196 13.95 -17.98 -26.37
N ALA B 197 14.07 -19.30 -26.51
CA ALA B 197 13.47 -20.33 -25.66
C ALA B 197 14.44 -20.85 -24.61
N THR B 198 13.97 -20.88 -23.33
CA THR B 198 14.74 -21.31 -22.15
C THR B 198 13.94 -22.34 -21.33
N LEU B 199 14.61 -23.20 -20.53
CA LEU B 199 13.95 -24.16 -19.64
C LEU B 199 13.17 -23.41 -18.57
N LEU B 200 13.85 -22.46 -17.89
CA LEU B 200 13.24 -21.62 -16.88
C LEU B 200 12.78 -20.32 -17.45
N HIS B 201 11.72 -19.75 -16.88
CA HIS B 201 11.29 -18.38 -17.22
C HIS B 201 12.30 -17.41 -16.57
N ASN B 202 12.81 -16.47 -17.37
CA ASN B 202 13.81 -15.49 -16.94
C ASN B 202 13.11 -14.27 -16.33
N LYS B 203 13.93 -13.40 -15.76
CA LYS B 203 13.52 -12.19 -15.08
C LYS B 203 13.58 -10.93 -15.93
N GLN B 204 12.81 -9.91 -15.55
CA GLN B 204 12.74 -8.62 -16.23
C GLN B 204 13.09 -7.56 -15.15
N PRO B 205 14.41 -7.30 -14.92
CA PRO B 205 14.78 -6.38 -13.85
C PRO B 205 14.76 -4.90 -14.21
N MET B 206 14.60 -4.04 -13.17
CA MET B 206 14.78 -2.60 -13.29
C MET B 206 16.17 -2.35 -12.69
N VAL B 207 17.06 -1.77 -13.46
CA VAL B 207 18.45 -1.56 -13.06
C VAL B 207 18.85 -0.09 -13.00
N LYS B 208 19.54 0.31 -11.93
CA LYS B 208 20.12 1.67 -11.80
C LYS B 208 21.63 1.54 -11.63
N ASN B 209 22.37 2.23 -12.50
CA ASN B 209 23.83 2.19 -12.52
C ASN B 209 24.50 3.10 -11.50
N PHE B 210 25.18 2.50 -10.52
CA PHE B 210 25.97 3.25 -9.55
C PHE B 210 27.36 3.37 -10.19
N GLY B 211 27.91 2.24 -10.63
CA GLY B 211 29.15 2.14 -11.42
C GLY B 211 30.47 2.02 -10.70
N LEU B 212 30.60 2.71 -9.56
CA LEU B 212 31.82 2.71 -8.75
C LEU B 212 31.90 1.45 -7.90
N GLU B 213 33.09 1.06 -7.49
CA GLU B 213 33.30 -0.16 -6.71
C GLU B 213 32.78 -0.12 -5.26
N ARG B 214 32.66 1.07 -4.63
CA ARG B 214 32.25 1.20 -3.22
C ARG B 214 31.37 2.39 -2.99
N ILE B 215 30.39 2.26 -2.09
CA ILE B 215 29.44 3.30 -1.67
C ILE B 215 30.19 4.58 -1.25
N ASN B 216 31.32 4.41 -0.49
CA ASN B 216 32.17 5.50 0.01
C ASN B 216 32.71 6.42 -1.08
N GLU B 217 32.96 5.85 -2.31
CA GLU B 217 33.44 6.54 -3.51
C GLU B 217 32.58 7.72 -3.97
N ASN B 218 31.26 7.68 -3.70
CA ASN B 218 30.30 8.74 -4.02
C ASN B 218 28.97 8.43 -3.36
N LYS B 219 28.81 8.87 -2.12
CA LYS B 219 27.60 8.62 -1.34
C LYS B 219 26.38 9.33 -1.90
N ASP B 220 26.52 10.59 -2.33
CA ASP B 220 25.44 11.37 -2.93
C ASP B 220 24.86 10.68 -4.19
N LEU B 221 25.75 10.08 -5.02
CA LEU B 221 25.35 9.36 -6.23
C LEU B 221 24.63 8.07 -5.86
N TYR B 222 25.14 7.33 -4.84
CA TYR B 222 24.47 6.13 -4.36
C TYR B 222 23.04 6.47 -3.91
N LEU B 223 22.89 7.58 -3.18
CA LEU B 223 21.58 8.04 -2.73
C LEU B 223 20.63 8.53 -3.85
N GLU B 224 21.20 9.07 -4.97
CA GLU B 224 20.43 9.48 -6.16
C GLU B 224 19.87 8.24 -6.84
N CYS B 225 20.73 7.17 -6.93
CA CYS B 225 20.36 5.88 -7.50
C CYS B 225 19.15 5.34 -6.77
N ILE B 226 19.20 5.31 -5.41
CA ILE B 226 18.10 4.83 -4.56
C ILE B 226 16.84 5.65 -4.83
N SER B 227 16.97 7.00 -4.86
CA SER B 227 15.85 7.90 -5.16
C SER B 227 15.17 7.55 -6.49
N GLN B 228 15.99 7.32 -7.55
CA GLN B 228 15.53 6.95 -8.89
C GLN B 228 14.83 5.58 -8.93
N LEU B 229 15.38 4.57 -8.22
CA LEU B 229 14.80 3.24 -8.17
C LEU B 229 13.49 3.29 -7.40
N GLY B 230 13.48 4.04 -6.29
CA GLY B 230 12.29 4.22 -5.47
C GLY B 230 11.11 4.74 -6.28
N GLN B 231 11.37 5.75 -7.14
CA GLN B 231 10.38 6.36 -8.02
C GLN B 231 9.72 5.33 -8.96
N VAL B 232 10.55 4.52 -9.68
CA VAL B 232 10.03 3.52 -10.60
C VAL B 232 9.35 2.39 -9.86
N VAL B 233 9.93 1.97 -8.73
CA VAL B 233 9.28 0.92 -7.91
C VAL B 233 7.82 1.33 -7.57
N GLY B 234 7.62 2.57 -7.09
CA GLY B 234 6.30 3.13 -6.82
C GLY B 234 5.34 3.06 -7.99
N GLN B 235 5.85 3.39 -9.21
CA GLN B 235 5.06 3.36 -10.43
C GLN B 235 4.63 1.94 -10.79
N ARG B 236 5.54 0.97 -10.66
CA ARG B 236 5.29 -0.42 -10.91
C ARG B 236 4.24 -0.94 -9.94
N LEU B 237 4.44 -0.71 -8.63
CA LEU B 237 3.50 -1.14 -7.61
C LEU B 237 2.11 -0.57 -7.80
N HIS B 238 2.00 0.68 -8.30
CA HIS B 238 0.74 1.33 -8.56
C HIS B 238 -0.03 0.72 -9.71
N LEU B 239 0.70 0.26 -10.75
CA LEU B 239 0.12 -0.37 -11.93
C LEU B 239 0.03 -1.88 -11.89
N ASP B 240 0.76 -2.56 -10.96
CA ASP B 240 0.78 -4.02 -10.87
C ASP B 240 0.11 -4.61 -9.58
N PRO B 241 -1.12 -5.11 -9.69
CA PRO B 241 -1.80 -5.65 -8.51
C PRO B 241 -1.09 -6.80 -7.83
N GLN B 242 -0.58 -7.75 -8.62
CA GLN B 242 0.05 -8.95 -8.10
C GLN B 242 1.30 -8.63 -7.38
N VAL B 243 2.12 -7.72 -7.92
CA VAL B 243 3.38 -7.30 -7.32
C VAL B 243 3.08 -6.47 -6.06
N ARG B 244 2.01 -5.60 -6.05
CA ARG B 244 1.57 -4.81 -4.87
C ARG B 244 1.09 -5.70 -3.69
N ARG B 245 0.30 -6.76 -4.00
CA ARG B 245 -0.25 -7.74 -3.07
C ARG B 245 0.94 -8.49 -2.41
N SER B 246 1.98 -8.81 -3.17
CA SER B 246 3.23 -9.40 -2.65
C SER B 246 4.04 -8.16 -2.27
N GLY B 247 4.92 -8.18 -1.32
CA GLY B 247 5.54 -6.87 -1.12
C GLY B 247 6.87 -6.66 -1.81
N CYS B 248 7.88 -6.27 -1.01
CA CYS B 248 9.29 -6.10 -1.37
C CYS B 248 10.16 -6.77 -0.35
N ILE B 249 11.32 -7.28 -0.83
CA ILE B 249 12.38 -7.81 0.02
C ILE B 249 13.61 -7.02 -0.38
N VAL B 250 14.09 -6.19 0.56
CA VAL B 250 15.20 -5.26 0.30
C VAL B 250 16.51 -5.64 0.94
N ASP B 251 17.53 -5.86 0.12
CA ASP B 251 18.88 -6.12 0.62
C ASP B 251 19.70 -4.83 0.57
N THR B 252 20.47 -4.58 1.62
CA THR B 252 21.26 -3.35 1.79
C THR B 252 22.76 -3.67 1.82
N PRO B 253 23.68 -2.67 1.67
CA PRO B 253 25.11 -2.97 1.87
C PRO B 253 25.42 -3.11 3.36
N SER B 254 26.56 -3.74 3.69
CA SER B 254 27.03 -3.98 5.07
C SER B 254 26.96 -2.72 5.94
N ILE B 255 26.60 -2.88 7.23
CA ILE B 255 26.50 -1.77 8.20
C ILE B 255 27.81 -0.95 8.24
N SER B 256 28.95 -1.65 8.13
CA SER B 256 30.30 -1.09 8.11
C SER B 256 30.50 -0.11 6.94
N GLN B 257 29.91 -0.44 5.75
CA GLN B 257 30.00 0.38 4.53
C GLN B 257 29.23 1.70 4.64
N LEU B 258 28.27 1.79 5.59
CA LEU B 258 27.42 2.97 5.80
C LEU B 258 27.94 3.87 6.94
N ASP B 259 27.45 5.13 7.01
CA ASP B 259 27.77 6.12 8.05
C ASP B 259 27.36 5.62 9.43
N GLU B 260 27.94 6.21 10.50
CA GLU B 260 27.66 5.89 11.90
C GLU B 260 26.19 6.17 12.26
N ASN B 261 25.64 7.31 11.78
CA ASN B 261 24.26 7.75 12.04
C ASN B 261 23.20 6.86 11.34
N LEU B 262 23.64 6.07 10.32
CA LEU B 262 22.82 5.19 9.48
C LEU B 262 21.80 6.00 8.67
N ALA B 263 22.22 7.23 8.26
CA ALA B 263 21.40 8.18 7.49
C ALA B 263 20.91 7.59 6.17
N GLU B 264 21.69 6.68 5.58
CA GLU B 264 21.39 6.01 4.31
C GLU B 264 20.19 5.08 4.46
N LEU B 265 20.02 4.45 5.65
CA LEU B 265 18.87 3.58 5.90
C LEU B 265 17.59 4.39 5.99
N HIS B 266 17.67 5.62 6.52
CA HIS B 266 16.52 6.53 6.59
C HIS B 266 16.06 6.82 5.20
N HIS B 267 17.00 7.14 4.29
CA HIS B 267 16.77 7.41 2.87
C HIS B 267 16.11 6.20 2.20
N ILE B 268 16.69 4.98 2.37
CA ILE B 268 16.17 3.72 1.85
C ILE B 268 14.72 3.51 2.33
N ILE B 269 14.48 3.58 3.63
CA ILE B 269 13.13 3.46 4.24
C ILE B 269 12.12 4.45 3.62
N GLU B 270 12.48 5.72 3.47
CA GLU B 270 11.63 6.74 2.86
C GLU B 270 11.35 6.45 1.38
N LYS B 271 12.40 6.28 0.57
CA LYS B 271 12.31 6.08 -0.88
C LYS B 271 11.69 4.77 -1.30
N LEU B 272 11.81 3.73 -0.47
CA LEU B 272 11.28 2.43 -0.77
C LEU B 272 10.03 2.04 0.04
N ASN B 273 9.57 2.99 0.88
CA ASN B 273 8.36 2.88 1.72
C ASN B 273 8.36 1.61 2.54
N VAL B 274 9.47 1.40 3.21
CA VAL B 274 9.71 0.21 4.03
C VAL B 274 8.87 0.32 5.29
N ASN B 275 8.21 -0.79 5.65
CA ASN B 275 7.35 -0.87 6.82
C ASN B 275 7.76 -1.94 7.86
N ILE B 276 8.71 -2.84 7.49
CA ILE B 276 9.25 -3.91 8.36
C ILE B 276 10.77 -3.97 8.19
N MET B 277 11.47 -4.13 9.32
CA MET B 277 12.93 -4.28 9.32
C MET B 277 13.37 -5.59 9.98
N LEU B 278 14.30 -6.31 9.31
CA LEU B 278 14.89 -7.55 9.79
C LEU B 278 16.33 -7.28 10.11
N VAL B 279 16.72 -7.49 11.38
CA VAL B 279 18.08 -7.25 11.86
C VAL B 279 18.85 -8.55 12.05
N LEU B 280 19.98 -8.71 11.32
CA LEU B 280 20.85 -9.89 11.47
C LEU B 280 22.09 -9.54 12.26
N CYS B 281 22.11 -9.98 13.53
CA CYS B 281 23.23 -9.82 14.45
C CYS B 281 23.11 -10.84 15.58
N SER B 282 23.98 -10.74 16.60
CA SER B 282 23.95 -11.58 17.80
C SER B 282 23.23 -10.76 18.93
N GLU B 283 22.71 -11.41 19.99
CA GLU B 283 22.05 -10.64 21.07
C GLU B 283 23.04 -9.80 21.93
N THR B 284 24.35 -10.00 21.69
CA THR B 284 25.44 -9.24 22.32
C THR B 284 25.77 -7.95 21.53
N ASP B 285 25.50 -7.95 20.18
CA ASP B 285 25.74 -6.84 19.24
C ASP B 285 24.93 -5.57 19.62
N PRO B 286 25.59 -4.39 19.75
CA PRO B 286 24.85 -3.16 20.13
C PRO B 286 23.96 -2.60 19.03
N LEU B 287 24.11 -3.12 17.78
CA LEU B 287 23.33 -2.76 16.60
C LEU B 287 21.84 -2.90 16.86
N TRP B 288 21.42 -3.98 17.57
CA TRP B 288 20.02 -4.23 17.90
C TRP B 288 19.31 -3.06 18.58
N GLU B 289 19.92 -2.54 19.66
CA GLU B 289 19.39 -1.42 20.42
C GLU B 289 19.45 -0.12 19.62
N LYS B 290 20.53 0.05 18.84
CA LYS B 290 20.76 1.21 17.98
C LYS B 290 19.63 1.34 16.94
N VAL B 291 19.30 0.23 16.26
CA VAL B 291 18.23 0.11 15.26
C VAL B 291 16.86 0.41 15.90
N LYS B 292 16.64 -0.16 17.09
CA LYS B 292 15.43 -0.02 17.90
C LYS B 292 15.21 1.47 18.25
N LYS B 293 16.29 2.17 18.64
CA LYS B 293 16.31 3.60 19.00
C LYS B 293 16.14 4.52 17.75
N THR B 294 16.87 4.22 16.64
CA THR B 294 16.90 5.01 15.41
C THR B 294 15.64 4.86 14.51
N PHE B 295 15.21 3.61 14.26
CA PHE B 295 14.11 3.33 13.33
C PHE B 295 12.76 3.03 13.94
N GLY B 296 12.77 2.66 15.22
CA GLY B 296 11.56 2.38 16.00
C GLY B 296 10.57 3.54 15.96
N PRO B 297 10.98 4.81 16.22
CA PRO B 297 10.01 5.93 16.13
C PRO B 297 9.30 6.08 14.77
N GLU B 298 9.95 5.62 13.68
CA GLU B 298 9.40 5.68 12.33
C GLU B 298 8.60 4.42 11.97
N LEU B 299 9.17 3.22 12.24
CA LEU B 299 8.55 1.95 11.86
C LEU B 299 7.59 1.35 12.86
N GLY B 300 7.84 1.62 14.13
CA GLY B 300 7.12 1.01 15.22
C GLY B 300 7.91 -0.22 15.63
N ASN B 301 8.18 -0.38 16.93
CA ASN B 301 8.98 -1.50 17.41
C ASN B 301 8.45 -2.90 17.12
N ASN B 302 7.12 -3.05 17.03
CA ASN B 302 6.42 -4.29 16.71
C ASN B 302 6.81 -4.81 15.34
N ASN B 303 7.29 -3.89 14.47
CA ASN B 303 7.69 -4.14 13.08
C ASN B 303 9.19 -4.31 12.89
N ILE B 304 9.99 -4.34 13.98
CA ILE B 304 11.43 -4.59 13.93
C ILE B 304 11.71 -5.98 14.52
N PHE B 305 12.36 -6.86 13.73
CA PHE B 305 12.62 -8.24 14.12
C PHE B 305 14.08 -8.61 14.17
N PHE B 306 14.42 -9.50 15.08
CA PHE B 306 15.76 -10.00 15.31
C PHE B 306 15.90 -11.43 14.81
N ILE B 307 16.97 -11.69 14.01
CA ILE B 307 17.28 -13.01 13.45
C ILE B 307 18.65 -13.32 13.92
N PRO B 308 18.88 -14.47 14.61
CA PRO B 308 20.23 -14.78 15.10
C PRO B 308 21.11 -15.33 13.98
N LYS B 309 22.43 -15.56 14.27
CA LYS B 309 23.40 -16.08 13.28
C LYS B 309 22.88 -17.36 12.66
N LEU B 310 22.60 -17.30 11.36
CA LEU B 310 22.08 -18.44 10.60
C LEU B 310 23.17 -19.42 10.17
N ASP B 311 22.89 -20.72 10.35
CA ASP B 311 23.77 -21.83 9.98
C ASP B 311 23.74 -22.05 8.47
N GLY B 312 24.70 -22.84 7.97
CA GLY B 312 24.82 -23.24 6.57
C GLY B 312 25.70 -22.36 5.71
N VAL B 313 25.58 -21.04 5.89
CA VAL B 313 26.32 -20.03 5.13
C VAL B 313 27.65 -19.65 5.76
N SER B 314 28.76 -20.04 5.09
CA SER B 314 30.15 -19.77 5.48
C SER B 314 30.69 -18.47 4.82
N ALA B 315 31.51 -17.69 5.59
CA ALA B 315 32.10 -16.41 5.20
C ALA B 315 32.85 -16.44 3.86
N VAL B 316 32.81 -15.30 3.14
CA VAL B 316 33.40 -15.16 1.80
C VAL B 316 34.46 -14.06 1.67
N ASP B 317 35.57 -14.39 1.00
CA ASP B 317 36.71 -13.53 0.76
C ASP B 317 36.55 -12.63 -0.49
N ASP B 318 37.52 -11.72 -0.72
CA ASP B 318 37.54 -10.80 -1.85
C ASP B 318 37.83 -11.49 -3.17
N VAL B 319 38.62 -12.57 -3.12
CA VAL B 319 38.99 -13.36 -4.30
C VAL B 319 37.73 -14.05 -4.85
N TYR B 320 36.86 -14.52 -3.93
CA TYR B 320 35.57 -15.14 -4.26
C TYR B 320 34.64 -14.07 -4.86
N LYS B 321 34.62 -12.85 -4.24
CA LYS B 321 33.82 -11.71 -4.69
C LYS B 321 34.23 -11.32 -6.11
N ARG B 322 35.54 -11.21 -6.36
CA ARG B 322 36.09 -10.86 -7.66
C ARG B 322 35.74 -11.91 -8.72
N SER B 323 35.74 -13.20 -8.32
CA SER B 323 35.40 -14.34 -9.18
C SER B 323 33.92 -14.29 -9.56
N LEU B 324 33.07 -13.97 -8.58
CA LEU B 324 31.62 -13.85 -8.71
C LEU B 324 31.26 -12.67 -9.64
N GLN B 325 32.05 -11.59 -9.58
CA GLN B 325 31.83 -10.41 -10.41
C GLN B 325 32.18 -10.74 -11.86
N ARG B 326 33.23 -11.53 -12.08
CA ARG B 326 33.68 -11.98 -13.40
C ARG B 326 32.63 -12.91 -14.04
N THR B 327 32.15 -13.88 -13.27
CA THR B 327 31.16 -14.87 -13.67
C THR B 327 29.86 -14.22 -14.18
N SER B 328 29.36 -13.17 -13.47
CA SER B 328 28.13 -12.46 -13.81
C SER B 328 28.26 -11.63 -15.07
N ILE B 329 29.46 -11.07 -15.33
CA ILE B 329 29.73 -10.27 -16.53
C ILE B 329 29.70 -11.22 -17.75
N ARG B 330 30.37 -12.39 -17.68
CA ARG B 330 30.35 -13.37 -18.77
C ARG B 330 28.89 -13.83 -19.00
N GLU B 331 28.18 -14.11 -17.92
CA GLU B 331 26.78 -14.53 -17.96
C GLU B 331 25.88 -13.52 -18.65
N TYR B 332 26.11 -12.21 -18.43
CA TYR B 332 25.32 -11.16 -19.05
C TYR B 332 25.36 -11.24 -20.59
N PHE B 333 26.53 -11.48 -21.15
CA PHE B 333 26.70 -11.53 -22.60
C PHE B 333 26.51 -12.92 -23.21
N TYR B 334 27.02 -13.97 -22.54
CA TYR B 334 27.09 -15.35 -23.04
C TYR B 334 26.10 -16.36 -22.43
N GLY B 335 25.42 -15.97 -21.34
CA GLY B 335 24.45 -16.80 -20.66
C GLY B 335 25.10 -17.79 -19.74
N SER B 336 24.34 -18.82 -19.30
CA SER B 336 24.83 -19.85 -18.40
C SER B 336 25.21 -21.13 -19.18
N LEU B 337 25.63 -22.18 -18.47
CA LEU B 337 26.05 -23.45 -19.06
C LEU B 337 24.94 -24.13 -19.92
N ASP B 338 23.69 -24.06 -19.47
CA ASP B 338 22.55 -24.67 -20.17
C ASP B 338 21.75 -23.65 -20.98
N THR B 339 22.24 -22.39 -21.07
CA THR B 339 21.58 -21.28 -21.75
C THR B 339 22.62 -20.50 -22.54
N ALA B 340 23.12 -21.09 -23.61
CA ALA B 340 24.11 -20.48 -24.50
C ALA B 340 23.52 -19.29 -25.25
N LEU B 341 24.10 -18.08 -25.05
CA LEU B 341 23.69 -16.82 -25.71
C LEU B 341 24.80 -16.34 -26.62
N SER B 342 24.43 -15.59 -27.69
CA SER B 342 25.35 -15.05 -28.68
C SER B 342 25.48 -13.52 -28.61
N PRO B 343 26.53 -12.98 -27.93
CA PRO B 343 26.73 -11.52 -27.98
C PRO B 343 27.25 -11.13 -29.38
N TYR B 344 27.31 -9.83 -29.66
CA TYR B 344 27.69 -9.35 -30.98
C TYR B 344 28.79 -8.31 -30.92
N ALA B 345 29.89 -8.55 -31.65
CA ALA B 345 31.06 -7.70 -31.68
C ALA B 345 31.04 -6.75 -32.88
N ILE B 346 31.36 -5.51 -32.59
CA ILE B 346 31.35 -4.47 -33.60
C ILE B 346 32.60 -3.63 -33.46
N GLY B 347 33.03 -3.08 -34.59
CA GLY B 347 34.14 -2.14 -34.66
C GLY B 347 33.59 -0.75 -34.84
N VAL B 348 34.03 0.21 -33.99
CA VAL B 348 33.55 1.60 -34.07
C VAL B 348 34.69 2.62 -34.00
N ASP B 349 34.49 3.79 -34.61
CA ASP B 349 35.47 4.87 -34.58
C ASP B 349 35.29 5.65 -33.28
N TYR B 350 36.37 6.25 -32.76
CA TYR B 350 36.41 7.07 -31.54
C TYR B 350 35.25 8.10 -31.52
N GLU B 351 34.99 8.71 -32.68
CA GLU B 351 33.98 9.73 -32.99
C GLU B 351 32.55 9.27 -32.76
N ASP B 352 32.27 7.96 -32.91
CA ASP B 352 30.95 7.33 -32.74
C ASP B 352 30.50 7.11 -31.28
N LEU B 353 31.35 7.43 -30.29
CA LEU B 353 31.00 7.21 -28.87
C LEU B 353 31.04 8.47 -28.02
N THR B 354 30.05 8.59 -27.14
CA THR B 354 29.90 9.67 -26.18
C THR B 354 29.86 9.03 -24.78
N ILE B 355 31.02 8.95 -24.13
CA ILE B 355 31.19 8.35 -22.80
C ILE B 355 31.39 9.42 -21.71
N TRP B 356 30.66 9.25 -20.60
CA TRP B 356 30.72 10.07 -19.41
C TRP B 356 31.29 9.20 -18.29
N LYS B 357 31.84 9.83 -17.26
CA LYS B 357 32.44 9.18 -16.09
C LYS B 357 31.85 9.82 -14.84
N PRO B 358 31.47 9.06 -13.80
CA PRO B 358 30.90 9.71 -12.61
C PRO B 358 31.93 10.41 -11.71
N SER B 359 31.46 11.43 -10.97
CA SER B 359 32.26 12.15 -9.97
C SER B 359 32.57 11.11 -8.87
N ASN B 360 33.79 11.13 -8.33
CA ASN B 360 34.20 10.21 -7.29
C ASN B 360 35.23 10.82 -6.34
N VAL B 361 35.42 10.21 -5.16
CA VAL B 361 36.35 10.67 -4.12
C VAL B 361 37.81 10.71 -4.61
N PHE B 362 38.26 9.67 -5.35
CA PHE B 362 39.62 9.60 -5.88
C PHE B 362 39.93 10.71 -6.90
N ASP B 363 39.19 10.77 -8.01
CA ASP B 363 39.40 11.73 -9.08
C ASP B 363 39.06 13.18 -8.71
N ASN B 364 38.03 13.39 -7.86
CA ASN B 364 37.50 14.73 -7.54
C ASN B 364 37.42 15.16 -6.07
N GLU B 365 38.16 14.47 -5.15
CA GLU B 365 38.19 14.75 -3.69
C GLU B 365 36.85 14.51 -2.97
N VAL B 366 35.78 15.19 -3.41
CA VAL B 366 34.43 14.99 -2.89
C VAL B 366 33.53 14.60 -4.06
N GLY B 367 32.81 13.47 -3.88
CA GLY B 367 31.89 12.89 -4.85
C GLY B 367 30.55 13.58 -4.84
N ARG B 368 30.15 14.07 -6.02
CA ARG B 368 28.87 14.76 -6.24
C ARG B 368 27.99 14.05 -7.30
N VAL B 369 26.74 14.49 -7.42
CA VAL B 369 25.83 13.95 -8.44
C VAL B 369 26.18 14.71 -9.74
N GLU B 370 27.28 14.30 -10.40
CA GLU B 370 27.73 14.87 -11.67
C GLU B 370 28.59 13.93 -12.47
N LEU B 371 28.61 14.13 -13.81
CA LEU B 371 29.41 13.31 -14.73
C LEU B 371 30.43 14.15 -15.44
N PHE B 372 31.53 13.53 -15.86
CA PHE B 372 32.58 14.20 -16.60
C PHE B 372 32.86 13.51 -17.94
N PRO B 373 33.12 14.28 -19.03
CA PRO B 373 33.45 13.65 -20.33
C PRO B 373 34.70 12.77 -20.24
N VAL B 374 34.73 11.64 -20.98
CA VAL B 374 35.85 10.70 -21.00
C VAL B 374 36.63 10.87 -22.31
N THR B 375 37.97 10.86 -22.22
CA THR B 375 38.87 10.90 -23.37
C THR B 375 39.15 9.45 -23.80
N ILE B 376 38.84 9.10 -25.07
CA ILE B 376 39.05 7.75 -25.60
C ILE B 376 40.55 7.37 -25.59
N THR B 377 40.95 6.62 -24.55
CA THR B 377 42.34 6.19 -24.29
C THR B 377 42.33 4.73 -23.81
N PRO B 378 43.29 3.87 -24.27
CA PRO B 378 43.32 2.48 -23.80
C PRO B 378 43.41 2.31 -22.28
N SER B 379 43.98 3.31 -21.57
CA SER B 379 44.09 3.30 -20.10
C SER B 379 42.70 3.52 -19.48
N ASN B 380 41.85 4.31 -20.16
CA ASN B 380 40.51 4.65 -19.70
C ASN B 380 39.45 3.59 -20.06
N LEU B 381 39.43 3.11 -21.32
CA LEU B 381 38.38 2.21 -21.83
C LEU B 381 38.69 0.75 -22.13
N GLN B 382 39.97 0.32 -22.24
CA GLN B 382 40.17 -1.09 -22.55
C GLN B 382 39.74 -2.02 -21.43
N HIS B 383 38.93 -3.04 -21.79
CA HIS B 383 38.32 -4.07 -20.95
C HIS B 383 37.23 -3.50 -20.02
N ALA B 384 36.81 -2.26 -20.29
CA ALA B 384 35.82 -1.57 -19.48
C ALA B 384 34.37 -1.96 -19.77
N ILE B 385 33.56 -2.04 -18.69
CA ILE B 385 32.12 -2.26 -18.78
C ILE B 385 31.51 -0.87 -18.83
N ILE B 386 30.68 -0.61 -19.83
CA ILE B 386 30.03 0.69 -20.07
C ILE B 386 28.52 0.52 -19.98
N ALA B 387 27.81 1.46 -19.33
CA ALA B 387 26.35 1.45 -19.27
C ALA B 387 25.81 2.26 -20.45
N ILE B 388 24.77 1.75 -21.10
CA ILE B 388 24.12 2.41 -22.24
C ILE B 388 22.81 2.98 -21.70
N THR B 389 22.61 4.28 -21.83
CA THR B 389 21.40 4.94 -21.33
C THR B 389 20.38 5.10 -22.44
N PHE B 390 19.20 5.63 -22.09
CA PHE B 390 18.19 5.92 -23.10
C PHE B 390 18.35 7.32 -23.73
N ALA B 391 19.32 8.11 -23.22
CA ALA B 391 19.55 9.48 -23.65
C ALA B 391 20.35 9.58 -24.94
N GLU B 392 20.05 10.59 -25.76
CA GLU B 392 20.73 10.86 -27.03
C GLU B 392 22.19 11.27 -26.79
N ARG B 393 23.10 11.05 -27.75
CA ARG B 393 24.53 11.35 -27.61
C ARG B 393 24.77 12.80 -27.12
N ARG B 394 24.09 13.76 -27.78
CA ARG B 394 24.12 15.20 -27.52
C ARG B 394 23.40 15.66 -26.23
N ALA B 395 22.76 14.72 -25.46
CA ALA B 395 22.09 15.03 -24.19
C ALA B 395 23.05 15.60 -23.15
N ASP B 396 22.56 16.57 -22.38
CA ASP B 396 23.35 17.22 -21.33
C ASP B 396 23.51 16.31 -20.10
N GLN B 397 24.56 16.59 -19.30
CA GLN B 397 24.96 15.90 -18.07
C GLN B 397 23.79 15.52 -17.12
N ALA B 398 22.87 16.46 -16.87
CA ALA B 398 21.73 16.33 -16.00
C ALA B 398 20.67 15.36 -16.56
N THR B 399 20.62 15.22 -17.89
CA THR B 399 19.67 14.34 -18.55
C THR B 399 20.21 12.91 -18.47
N VAL B 400 21.50 12.76 -18.79
CA VAL B 400 22.24 11.50 -18.81
C VAL B 400 22.15 10.81 -17.44
N ILE B 401 22.43 11.55 -16.37
CA ILE B 401 22.43 11.08 -14.99
C ILE B 401 21.06 10.57 -14.48
N LYS B 402 19.95 11.07 -15.07
CA LYS B 402 18.56 10.72 -14.76
C LYS B 402 17.97 9.68 -15.74
N SER B 403 18.72 9.35 -16.79
CA SER B 403 18.26 8.45 -17.84
C SER B 403 18.26 6.97 -17.47
N PRO B 404 17.18 6.23 -17.79
CA PRO B 404 17.21 4.77 -17.54
C PRO B 404 18.35 4.07 -18.32
N ILE B 405 18.74 2.88 -17.85
CA ILE B 405 19.77 2.03 -18.45
C ILE B 405 19.15 1.06 -19.46
N LEU B 406 19.66 1.05 -20.70
CA LEU B 406 19.28 0.16 -21.80
C LEU B 406 19.98 -1.22 -21.61
N GLY B 407 21.23 -1.16 -21.20
CA GLY B 407 22.04 -2.35 -20.96
C GLY B 407 23.50 -1.99 -20.82
N PHE B 408 24.37 -2.97 -21.05
CA PHE B 408 25.80 -2.82 -20.88
C PHE B 408 26.55 -3.23 -22.10
N ALA B 409 27.75 -2.69 -22.26
CA ALA B 409 28.64 -3.09 -23.36
C ALA B 409 30.01 -3.31 -22.76
N LEU B 410 30.85 -4.05 -23.47
CA LEU B 410 32.24 -4.30 -23.09
C LEU B 410 33.16 -3.82 -24.19
N ILE B 411 34.12 -2.93 -23.85
CA ILE B 411 35.11 -2.45 -24.81
C ILE B 411 36.32 -3.39 -24.69
N THR B 412 36.41 -4.29 -25.64
CA THR B 412 37.35 -5.38 -25.81
C THR B 412 38.77 -4.97 -26.17
N GLU B 413 38.89 -3.97 -27.03
CA GLU B 413 40.14 -3.52 -27.61
C GLU B 413 40.06 -2.06 -27.99
N VAL B 414 41.15 -1.32 -27.79
CA VAL B 414 41.27 0.08 -28.17
C VAL B 414 42.52 0.20 -29.02
N ASN B 415 42.35 0.58 -30.30
CA ASN B 415 43.44 0.76 -31.25
C ASN B 415 43.70 2.25 -31.43
N GLU B 416 44.90 2.69 -31.02
CA GLU B 416 45.27 4.10 -31.11
C GLU B 416 45.60 4.56 -32.52
N LYS B 417 46.42 3.78 -33.28
CA LYS B 417 46.80 4.16 -34.64
C LYS B 417 45.58 4.37 -35.53
N ARG B 418 44.81 3.30 -35.84
CA ARG B 418 43.57 3.44 -36.58
C ARG B 418 42.58 3.67 -35.47
N ARG B 419 42.23 4.93 -35.18
CA ARG B 419 41.36 5.36 -34.06
C ARG B 419 40.01 4.60 -33.93
N LYS B 420 40.11 3.29 -33.64
CA LYS B 420 38.97 2.38 -33.56
C LYS B 420 38.90 1.56 -32.28
N LEU B 421 37.70 1.07 -31.95
CA LEU B 421 37.42 0.27 -30.77
C LEU B 421 36.63 -0.98 -31.16
N ARG B 422 36.90 -2.09 -30.47
CA ARG B 422 36.12 -3.31 -30.62
C ARG B 422 35.16 -3.32 -29.40
N VAL B 423 33.85 -3.26 -29.68
CA VAL B 423 32.81 -3.24 -28.65
C VAL B 423 31.97 -4.52 -28.74
N LEU B 424 31.72 -5.14 -27.59
CA LEU B 424 30.87 -6.33 -27.50
C LEU B 424 29.51 -5.88 -26.95
N LEU B 425 28.43 -6.22 -27.67
CA LEU B 425 27.07 -5.89 -27.27
C LEU B 425 26.29 -7.15 -26.91
N PRO B 426 25.33 -7.11 -25.95
CA PRO B 426 24.54 -8.31 -25.66
C PRO B 426 23.57 -8.66 -26.79
N VAL B 427 23.12 -7.65 -27.54
CA VAL B 427 22.10 -7.72 -28.59
C VAL B 427 22.73 -7.55 -29.97
N PRO B 428 22.56 -8.54 -30.89
CA PRO B 428 23.07 -8.37 -32.24
C PRO B 428 22.29 -7.26 -32.92
N GLY B 429 22.99 -6.47 -33.71
CA GLY B 429 22.38 -5.34 -34.40
C GLY B 429 23.24 -4.10 -34.38
N ARG B 430 22.59 -2.93 -34.29
CA ARG B 430 23.30 -1.67 -34.37
C ARG B 430 23.87 -1.17 -33.07
N LEU B 431 24.91 -0.30 -33.16
CA LEU B 431 25.44 0.32 -31.96
C LEU B 431 24.39 1.37 -31.53
N PRO B 432 23.79 1.30 -30.32
CA PRO B 432 22.79 2.33 -29.95
C PRO B 432 23.41 3.74 -29.95
N SER B 433 22.76 4.71 -30.62
CA SER B 433 23.24 6.09 -30.68
C SER B 433 22.67 6.80 -29.45
N LYS B 434 23.28 6.49 -28.29
CA LYS B 434 22.88 6.91 -26.96
C LYS B 434 24.11 7.34 -26.13
N ALA B 435 23.90 8.21 -25.13
CA ALA B 435 24.95 8.64 -24.20
C ALA B 435 25.33 7.44 -23.31
N MET B 436 26.62 7.30 -23.04
CA MET B 436 27.13 6.18 -22.29
C MET B 436 27.89 6.59 -21.04
N ILE B 437 27.96 5.68 -20.03
CA ILE B 437 28.63 5.92 -18.75
C ILE B 437 29.63 4.82 -18.42
N LEU B 438 30.89 5.21 -18.19
CA LEU B 438 32.00 4.31 -17.83
C LEU B 438 31.84 3.81 -16.36
N THR B 439 32.01 2.50 -16.15
CA THR B 439 31.94 1.90 -14.81
C THR B 439 33.38 1.62 -14.36
N SER B 440 33.55 1.29 -13.05
CA SER B 440 34.85 0.95 -12.46
C SER B 440 35.22 -0.52 -12.78
N TYR B 441 34.24 -1.28 -13.32
CA TYR B 441 34.36 -2.70 -13.63
C TYR B 441 35.05 -3.05 -14.91
N ARG B 442 35.95 -4.02 -14.82
CA ARG B 442 36.76 -4.49 -15.95
C ARG B 442 36.60 -6.01 -16.17
N TYR B 443 36.72 -6.44 -17.45
CA TYR B 443 36.61 -7.85 -17.85
C TYR B 443 37.48 -8.18 -19.03
N LEU B 444 38.33 -9.19 -18.85
CA LEU B 444 39.21 -9.65 -19.90
C LEU B 444 38.84 -11.09 -20.30
N GLU B 445 38.63 -11.31 -21.64
CA GLU B 445 38.25 -12.53 -22.39
C GLU B 445 36.75 -12.62 -22.72
N SER C 11 -51.35 5.16 4.71
CA SER C 11 -52.05 6.14 3.91
C SER C 11 -51.69 6.01 2.44
N ASN C 12 -50.46 5.57 2.16
CA ASN C 12 -50.10 5.04 0.86
C ASN C 12 -50.12 6.04 -0.30
N SER C 13 -49.11 6.04 -1.15
CA SER C 13 -47.80 5.43 -0.93
C SER C 13 -46.76 6.55 -0.85
N ASN C 14 -46.06 6.79 -1.96
CA ASN C 14 -45.06 7.86 -2.09
C ASN C 14 -45.10 9.03 -1.11
N ASN C 23 -39.02 14.72 -13.58
CA ASN C 23 -38.96 15.76 -12.54
C ASN C 23 -38.97 15.19 -11.10
N ILE C 24 -39.33 13.88 -10.95
CA ILE C 24 -39.35 13.22 -9.65
C ILE C 24 -38.42 12.02 -9.59
N GLN C 25 -37.85 11.76 -8.40
CA GLN C 25 -36.84 10.73 -8.20
C GLN C 25 -36.89 10.10 -6.80
N SER C 26 -36.07 9.07 -6.55
CA SER C 26 -36.07 8.33 -5.29
C SER C 26 -34.67 7.97 -4.85
N ARG C 27 -34.50 7.54 -3.59
CA ARG C 27 -33.23 7.05 -3.06
C ARG C 27 -32.97 5.70 -3.73
N ASN C 28 -31.73 5.41 -4.09
CA ASN C 28 -31.40 4.13 -4.70
C ASN C 28 -30.87 3.20 -3.64
N TRP C 29 -30.99 1.90 -3.90
CA TRP C 29 -30.44 0.86 -3.02
C TRP C 29 -28.90 0.96 -3.06
N TYR C 30 -28.25 0.42 -2.02
CA TYR C 30 -26.80 0.37 -1.94
C TYR C 30 -26.29 -0.81 -2.80
N LEU C 31 -25.00 -0.77 -3.16
CA LEU C 31 -24.33 -1.83 -3.90
C LEU C 31 -23.83 -2.89 -2.92
N SER C 32 -23.68 -4.15 -3.41
CA SER C 32 -23.15 -5.26 -2.63
C SER C 32 -21.64 -5.03 -2.51
N ASP C 33 -20.96 -5.79 -1.67
CA ASP C 33 -19.50 -5.67 -1.47
C ASP C 33 -18.73 -5.74 -2.77
N SER C 34 -19.09 -6.66 -3.64
CA SER C 34 -18.37 -6.87 -4.91
C SER C 34 -18.59 -5.71 -5.86
N GLN C 35 -19.86 -5.30 -6.03
CA GLN C 35 -20.21 -4.20 -6.91
C GLN C 35 -19.60 -2.90 -6.43
N TRP C 36 -19.58 -2.67 -5.11
CA TRP C 36 -19.00 -1.47 -4.51
C TRP C 36 -17.48 -1.40 -4.68
N ALA C 37 -16.76 -2.51 -4.46
CA ALA C 37 -15.29 -2.62 -4.61
C ALA C 37 -14.85 -2.34 -6.07
N ALA C 38 -15.69 -2.71 -7.02
CA ALA C 38 -15.44 -2.55 -8.46
C ALA C 38 -15.91 -1.19 -9.01
N PHE C 39 -16.64 -0.40 -8.19
CA PHE C 39 -17.18 0.90 -8.57
C PHE C 39 -16.14 1.99 -8.61
N LYS C 40 -16.28 2.90 -9.59
CA LYS C 40 -15.44 4.08 -9.79
C LYS C 40 -16.38 5.26 -9.73
N ASP C 41 -16.14 6.17 -8.77
CA ASP C 41 -16.97 7.34 -8.59
C ASP C 41 -16.98 8.32 -9.78
N ASP C 42 -16.10 8.11 -10.80
CA ASP C 42 -16.11 8.95 -12.00
C ASP C 42 -17.39 8.68 -12.76
N GLU C 43 -18.03 7.51 -12.52
CA GLU C 43 -19.34 7.16 -13.08
C GLU C 43 -20.37 8.17 -12.56
N ILE C 44 -20.25 8.60 -11.27
CA ILE C 44 -21.16 9.60 -10.69
C ILE C 44 -20.89 10.96 -11.32
N THR C 45 -19.65 11.48 -11.10
CA THR C 45 -19.14 12.78 -11.52
C THR C 45 -18.88 12.90 -13.06
N SER C 46 -19.74 12.24 -13.89
CA SER C 46 -19.77 12.16 -15.36
C SER C 46 -18.41 12.17 -16.07
N GLY D 9 42.47 -6.29 -34.97
CA GLY D 9 41.77 -6.87 -33.82
C GLY D 9 41.47 -8.36 -33.92
N ILE D 10 40.27 -8.79 -33.42
CA ILE D 10 39.77 -10.18 -33.47
C ILE D 10 38.28 -10.32 -33.95
N SER D 11 37.81 -11.58 -34.24
CA SER D 11 36.47 -11.98 -34.74
C SER D 11 35.22 -11.08 -34.48
N ASN D 12 34.83 -10.24 -35.47
CA ASN D 12 33.64 -9.40 -35.40
C ASN D 12 32.37 -10.25 -35.71
N SER D 13 31.19 -9.72 -35.36
CA SER D 13 29.91 -10.41 -35.37
C SER D 13 29.56 -11.30 -34.17
N ASN D 14 28.55 -12.13 -34.37
CA ASN D 14 28.09 -13.10 -33.37
C ASN D 14 29.25 -13.93 -32.81
N LEU D 15 29.29 -14.04 -31.47
CA LEU D 15 30.31 -14.82 -30.82
C LEU D 15 29.71 -16.10 -30.22
N ASN D 16 30.57 -17.06 -29.82
CA ASN D 16 30.21 -18.36 -29.24
C ASN D 16 30.86 -18.54 -27.87
N LYS D 22 21.81 -25.10 -34.04
CA LYS D 22 22.24 -24.02 -34.95
C LYS D 22 21.48 -22.69 -34.71
N ASN D 23 20.23 -22.76 -34.20
CA ASN D 23 19.41 -21.59 -33.88
C ASN D 23 20.04 -20.81 -32.73
N ILE D 24 20.12 -19.49 -32.88
CA ILE D 24 20.75 -18.66 -31.83
C ILE D 24 19.77 -17.74 -31.09
N GLN D 25 20.10 -17.41 -29.82
CA GLN D 25 19.41 -16.40 -29.05
C GLN D 25 20.40 -15.46 -28.33
N SER D 26 19.90 -14.34 -27.82
CA SER D 26 20.72 -13.31 -27.20
C SER D 26 20.03 -12.72 -25.98
N ARG D 27 20.80 -11.99 -25.15
CA ARG D 27 20.31 -11.23 -23.99
C ARG D 27 19.54 -10.06 -24.60
N ASN D 28 18.43 -9.69 -23.97
CA ASN D 28 17.63 -8.56 -24.41
C ASN D 28 18.04 -7.31 -23.67
N TRP D 29 17.80 -6.14 -24.28
CA TRP D 29 17.99 -4.83 -23.62
C TRP D 29 16.92 -4.72 -22.51
N TYR D 30 17.18 -3.87 -21.52
CA TYR D 30 16.20 -3.64 -20.43
C TYR D 30 15.13 -2.67 -20.95
N LEU D 31 13.96 -2.66 -20.30
CA LEU D 31 12.87 -1.71 -20.60
C LEU D 31 13.15 -0.36 -19.92
N SER D 32 12.57 0.71 -20.46
CA SER D 32 12.68 2.05 -19.86
C SER D 32 11.79 2.07 -18.62
N ASP D 33 11.90 3.11 -17.79
CA ASP D 33 11.06 3.25 -16.59
C ASP D 33 9.57 3.10 -16.86
N SER D 34 9.10 3.71 -17.94
CA SER D 34 7.67 3.69 -18.26
C SER D 34 7.19 2.32 -18.70
N GLN D 35 7.95 1.69 -19.61
CA GLN D 35 7.64 0.37 -20.12
C GLN D 35 7.72 -0.68 -19.03
N TRP D 36 8.71 -0.56 -18.14
CA TRP D 36 8.89 -1.48 -17.02
C TRP D 36 7.76 -1.39 -15.99
N ALA D 37 7.32 -0.15 -15.62
CA ALA D 37 6.22 0.11 -14.67
C ALA D 37 4.89 -0.48 -15.16
N ALA D 38 4.69 -0.48 -16.49
CA ALA D 38 3.48 -0.96 -17.16
C ALA D 38 3.53 -2.47 -17.47
N PHE D 39 4.71 -3.12 -17.28
CA PHE D 39 4.92 -4.54 -17.60
C PHE D 39 4.32 -5.46 -16.55
N LYS D 40 3.77 -6.59 -17.04
CA LYS D 40 3.17 -7.65 -16.23
C LYS D 40 3.97 -8.91 -16.56
N ASP D 41 4.60 -9.51 -15.56
CA ASP D 41 5.40 -10.71 -15.72
C ASP D 41 4.62 -11.92 -16.20
N ASP D 42 3.27 -11.86 -16.24
CA ASP D 42 2.45 -12.97 -16.76
C ASP D 42 2.69 -13.09 -18.24
N GLU D 43 3.19 -12.00 -18.91
CA GLU D 43 3.62 -11.99 -20.30
C GLU D 43 4.77 -13.00 -20.44
N ILE D 44 5.69 -13.05 -19.44
CA ILE D 44 6.83 -13.99 -19.46
C ILE D 44 6.30 -15.44 -19.28
N THR D 45 5.70 -15.69 -18.09
CA THR D 45 5.16 -16.96 -17.62
C THR D 45 3.86 -17.41 -18.34
N SER D 46 3.76 -17.13 -19.68
CA SER D 46 2.68 -17.47 -20.64
C SER D 46 1.26 -17.43 -20.07
#